data_1NG7
#
_entry.id   1NG7
#
_entity_poly.entity_id   1
_entity_poly.type   'polypeptide(L)'
_entity_poly.pdbx_seq_one_letter_code
;MGPLQYKDLKIDIKTSPPPECINDLLQAVDSQEVRDYCEKKGWIVNITSQVQTERNINRA
;
_entity_poly.pdbx_strand_id   A,B
#
# COMPACT_ATOMS: atom_id res chain seq x y z
N MET A 1 -25.80 5.73 -14.37
CA MET A 1 -24.99 5.88 -15.61
C MET A 1 -23.62 5.23 -15.44
N GLY A 2 -22.81 5.78 -14.58
CA GLY A 2 -21.45 5.19 -14.36
C GLY A 2 -20.40 6.12 -14.97
N PRO A 3 -19.16 5.73 -14.84
CA PRO A 3 -18.05 6.53 -15.39
C PRO A 3 -17.98 6.35 -16.90
N LEU A 4 -18.37 5.20 -17.35
CA LEU A 4 -18.32 4.90 -18.80
C LEU A 4 -19.15 3.64 -19.10
N GLN A 5 -18.79 2.92 -20.12
CA GLN A 5 -19.53 1.67 -20.44
C GLN A 5 -18.90 0.52 -19.64
N TYR A 6 -18.65 0.76 -18.37
CA TYR A 6 -18.02 -0.29 -17.52
C TYR A 6 -18.56 -1.68 -17.88
N LYS A 7 -17.73 -2.51 -18.48
CA LYS A 7 -18.19 -3.87 -18.85
C LYS A 7 -17.06 -4.88 -18.70
N ASP A 8 -17.31 -6.13 -18.97
CA ASP A 8 -16.24 -7.16 -18.83
C ASP A 8 -15.51 -7.00 -17.49
N LEU A 9 -15.92 -7.74 -16.49
CA LEU A 9 -15.26 -7.64 -15.17
C LEU A 9 -15.18 -9.01 -14.49
N LYS A 10 -14.38 -9.90 -15.03
CA LYS A 10 -14.28 -11.26 -14.41
C LYS A 10 -12.84 -11.76 -14.50
N ILE A 11 -11.89 -10.87 -14.62
CA ILE A 11 -10.47 -11.29 -14.71
C ILE A 11 -9.66 -10.60 -13.63
N ASP A 12 -8.51 -10.12 -13.98
CA ASP A 12 -7.70 -9.39 -12.97
C ASP A 12 -6.59 -8.59 -13.66
N ILE A 13 -5.83 -9.22 -14.50
CA ILE A 13 -4.74 -8.49 -15.20
C ILE A 13 -3.76 -7.90 -14.18
N LYS A 14 -2.74 -7.22 -14.64
CA LYS A 14 -1.77 -6.62 -13.68
C LYS A 14 -2.42 -5.46 -12.93
N THR A 15 -3.60 -5.06 -13.34
CA THR A 15 -4.29 -3.94 -12.65
C THR A 15 -5.05 -4.47 -11.43
N SER A 16 -4.57 -4.19 -10.24
CA SER A 16 -5.27 -4.69 -9.02
C SER A 16 -6.70 -4.07 -8.97
N PRO A 17 -7.16 -3.34 -7.93
CA PRO A 17 -6.48 -2.95 -6.69
C PRO A 17 -7.11 -3.67 -5.49
N PRO A 18 -7.45 -4.91 -5.68
CA PRO A 18 -8.13 -5.62 -4.58
C PRO A 18 -7.26 -5.67 -3.31
N PRO A 19 -5.95 -5.77 -3.44
CA PRO A 19 -5.10 -5.70 -2.23
C PRO A 19 -5.10 -4.25 -1.77
N GLU A 20 -6.18 -3.83 -1.17
CA GLU A 20 -6.34 -2.40 -0.73
C GLU A 20 -5.22 -1.93 0.21
N CYS A 21 -3.98 -2.03 -0.17
CA CYS A 21 -2.91 -1.51 0.74
C CYS A 21 -2.80 0.01 0.54
N ILE A 22 -3.07 0.50 -0.65
CA ILE A 22 -3.00 1.98 -0.88
C ILE A 22 -4.25 2.65 -0.35
N ASN A 23 -5.38 2.23 -0.81
CA ASN A 23 -6.63 2.87 -0.32
C ASN A 23 -6.74 2.64 1.20
N ASP A 24 -6.64 1.42 1.65
CA ASP A 24 -6.71 1.20 3.11
C ASP A 24 -5.67 2.09 3.75
N LEU A 25 -4.69 2.48 2.98
CA LEU A 25 -3.64 3.35 3.50
C LEU A 25 -4.06 4.79 3.37
N LEU A 26 -4.22 5.18 2.15
CA LEU A 26 -4.52 6.56 1.85
C LEU A 26 -5.94 6.93 2.24
N GLN A 27 -6.74 5.99 2.63
CA GLN A 27 -8.09 6.34 3.05
C GLN A 27 -7.96 7.12 4.37
N ALA A 28 -6.76 7.17 4.91
CA ALA A 28 -6.55 7.89 6.18
C ALA A 28 -5.57 9.07 6.04
N VAL A 29 -4.75 9.14 5.01
CA VAL A 29 -3.82 10.31 4.97
C VAL A 29 -4.26 11.30 3.90
N ASP A 30 -5.45 11.14 3.37
CA ASP A 30 -5.92 12.12 2.38
C ASP A 30 -4.82 12.40 1.38
N SER A 31 -4.77 11.70 0.30
CA SER A 31 -3.65 11.97 -0.61
C SER A 31 -3.92 11.33 -1.97
N GLN A 32 -4.91 11.81 -2.67
CA GLN A 32 -5.25 11.23 -3.99
C GLN A 32 -3.99 11.07 -4.83
N GLU A 33 -2.95 11.80 -4.53
CA GLU A 33 -1.70 11.62 -5.33
C GLU A 33 -1.20 10.20 -5.13
N VAL A 34 -1.50 9.61 -4.02
CA VAL A 34 -1.06 8.21 -3.76
C VAL A 34 -2.02 7.26 -4.47
N ARG A 35 -3.29 7.54 -4.44
CA ARG A 35 -4.26 6.66 -5.16
C ARG A 35 -4.19 7.02 -6.65
N ASP A 36 -4.15 8.29 -6.95
CA ASP A 36 -4.02 8.71 -8.37
C ASP A 36 -2.77 8.04 -8.89
N TYR A 37 -1.87 7.80 -7.98
CA TYR A 37 -0.61 7.10 -8.31
C TYR A 37 -0.93 5.62 -8.40
N CYS A 38 -1.55 5.10 -7.37
CA CYS A 38 -1.92 3.68 -7.35
C CYS A 38 -2.65 3.31 -8.64
N GLU A 39 -3.64 4.06 -9.01
CA GLU A 39 -4.34 3.77 -10.29
C GLU A 39 -3.43 4.19 -11.43
N LYS A 40 -2.35 4.87 -11.13
CA LYS A 40 -1.42 5.23 -12.20
C LYS A 40 -0.50 4.05 -12.35
N LYS A 41 -0.26 3.44 -11.22
CA LYS A 41 0.60 2.25 -11.17
C LYS A 41 -0.12 1.14 -11.88
N GLY A 42 -1.29 0.87 -11.38
CA GLY A 42 -2.13 -0.17 -11.97
C GLY A 42 -2.81 -1.04 -10.91
N TRP A 43 -3.58 -0.42 -10.06
CA TRP A 43 -4.36 -1.19 -9.05
C TRP A 43 -5.74 -0.72 -9.24
N ILE A 44 -5.77 0.58 -9.26
CA ILE A 44 -6.98 1.35 -9.50
C ILE A 44 -7.77 1.53 -8.22
N VAL A 45 -7.15 1.26 -7.14
CA VAL A 45 -7.81 1.37 -5.81
C VAL A 45 -8.86 2.50 -5.81
N ASN A 46 -10.12 2.15 -5.74
CA ASN A 46 -11.18 3.20 -5.76
C ASN A 46 -12.57 2.56 -5.69
N ILE A 47 -13.25 2.74 -4.59
CA ILE A 47 -14.61 2.15 -4.45
C ILE A 47 -15.52 2.66 -5.58
N THR A 48 -16.51 1.89 -5.96
CA THR A 48 -17.42 2.34 -7.05
C THR A 48 -18.87 2.36 -6.56
N SER A 49 -19.23 3.31 -5.74
CA SER A 49 -20.63 3.39 -5.25
C SER A 49 -21.38 4.52 -5.97
N GLN A 50 -21.00 5.74 -5.72
CA GLN A 50 -21.68 6.88 -6.39
C GLN A 50 -20.69 8.05 -6.56
N VAL A 51 -19.46 7.74 -6.86
CA VAL A 51 -18.45 8.82 -7.05
C VAL A 51 -18.53 9.39 -8.47
N GLN A 52 -18.44 10.68 -8.61
CA GLN A 52 -18.52 11.28 -9.97
C GLN A 52 -17.78 12.63 -9.99
N THR A 53 -16.52 12.62 -9.62
CA THR A 53 -15.75 13.90 -9.60
C THR A 53 -14.81 13.95 -10.80
N GLU A 54 -15.19 13.36 -11.90
CA GLU A 54 -14.32 13.38 -13.11
C GLU A 54 -12.88 13.01 -12.73
N ARG A 55 -12.63 11.75 -12.46
CA ARG A 55 -11.25 11.33 -12.09
C ARG A 55 -10.33 11.36 -13.32
N ASN A 56 -9.25 10.64 -13.28
CA ASN A 56 -8.31 10.63 -14.44
C ASN A 56 -8.04 12.06 -14.92
N ILE A 57 -7.78 12.96 -14.01
CA ILE A 57 -7.52 14.36 -14.42
C ILE A 57 -6.40 14.41 -15.46
N ASN A 58 -6.01 15.59 -15.89
CA ASN A 58 -4.93 15.70 -16.90
C ASN A 58 -3.58 15.92 -16.20
N ARG A 59 -2.94 14.86 -15.79
CA ARG A 59 -1.62 15.00 -15.11
C ARG A 59 -0.48 14.84 -16.12
N ALA A 60 -0.75 15.07 -17.37
CA ALA A 60 0.32 14.93 -18.40
C ALA A 60 0.10 15.94 -19.53
N MET B 1 26.46 -2.94 24.20
CA MET B 1 25.02 -2.64 24.52
C MET B 1 24.11 -3.63 23.78
N GLY B 2 22.82 -3.46 23.92
CA GLY B 2 21.88 -4.38 23.22
C GLY B 2 20.44 -3.93 23.48
N PRO B 3 19.75 -3.56 22.43
CA PRO B 3 18.35 -3.11 22.56
C PRO B 3 17.44 -4.30 22.79
N LEU B 4 17.59 -5.32 21.99
CA LEU B 4 16.74 -6.53 22.13
C LEU B 4 17.54 -7.78 21.77
N GLN B 5 16.91 -8.91 21.71
CA GLN B 5 17.65 -10.15 21.35
C GLN B 5 18.44 -9.90 20.07
N TYR B 6 18.03 -8.93 19.29
CA TYR B 6 18.75 -8.61 18.03
C TYR B 6 19.11 -9.90 17.28
N LYS B 7 18.21 -10.40 16.48
CA LYS B 7 18.51 -11.65 15.73
C LYS B 7 17.45 -11.87 14.64
N ASP B 8 17.34 -13.07 14.14
CA ASP B 8 16.33 -13.35 13.08
C ASP B 8 14.94 -12.90 13.54
N LEU B 9 14.04 -12.70 12.62
CA LEU B 9 12.66 -12.25 13.00
C LEU B 9 11.92 -13.40 13.71
N LYS B 10 10.98 -13.07 14.56
CA LYS B 10 10.22 -14.14 15.27
C LYS B 10 8.78 -13.69 15.52
N ILE B 11 8.17 -13.06 14.53
CA ILE B 11 6.77 -12.60 14.70
C ILE B 11 5.91 -13.20 13.60
N ASP B 12 5.06 -12.42 13.02
CA ASP B 12 4.22 -12.93 11.90
C ASP B 12 3.13 -11.92 11.53
N ILE B 13 2.05 -11.88 12.27
CA ILE B 13 0.96 -10.92 11.94
C ILE B 13 0.95 -9.76 12.93
N LYS B 14 1.37 -8.60 12.52
CA LYS B 14 1.38 -7.43 13.44
C LYS B 14 1.97 -6.20 12.74
N THR B 15 3.27 -6.13 12.65
CA THR B 15 3.91 -4.96 11.98
C THR B 15 4.63 -5.41 10.71
N SER B 16 4.15 -5.02 9.56
CA SER B 16 4.81 -5.44 8.29
C SER B 16 6.28 -4.88 8.26
N PRO B 17 6.76 -4.11 7.27
CA PRO B 17 6.10 -3.61 6.05
C PRO B 17 6.69 -4.29 4.81
N PRO B 18 6.97 -5.56 4.92
CA PRO B 18 7.61 -6.25 3.79
C PRO B 18 6.74 -6.17 2.51
N PRO B 19 5.44 -6.18 2.63
CA PRO B 19 4.60 -6.01 1.43
C PRO B 19 4.67 -4.53 1.05
N GLU B 20 5.77 -4.13 0.48
CA GLU B 20 6.00 -2.69 0.12
C GLU B 20 4.90 -2.11 -0.78
N CYS B 21 3.66 -2.18 -0.41
CA CYS B 21 2.62 -1.55 -1.28
C CYS B 21 2.57 -0.05 -1.00
N ILE B 22 2.86 0.36 0.21
CA ILE B 22 2.86 1.82 0.53
C ILE B 22 4.14 2.46 0.04
N ASN B 23 5.26 1.96 0.48
CA ASN B 23 6.53 2.57 0.04
C ASN B 23 6.64 2.44 -1.49
N ASP B 24 6.48 1.26 -2.02
CA ASP B 24 6.54 1.14 -3.50
C ASP B 24 5.55 2.12 -4.08
N LEU B 25 4.60 2.50 -3.28
CA LEU B 25 3.59 3.46 -3.74
C LEU B 25 4.08 4.87 -3.50
N LEU B 26 4.21 5.16 -2.26
CA LEU B 26 4.57 6.50 -1.84
C LEU B 26 6.01 6.82 -2.21
N GLN B 27 6.75 5.86 -2.67
CA GLN B 27 8.13 6.17 -3.08
C GLN B 27 8.04 7.01 -4.35
N ALA B 28 6.85 7.19 -4.87
CA ALA B 28 6.68 7.99 -6.11
C ALA B 28 5.80 9.22 -5.90
N VAL B 29 4.97 9.30 -4.87
CA VAL B 29 4.13 10.52 -4.75
C VAL B 29 4.63 11.40 -3.62
N ASP B 30 5.77 11.12 -3.09
CA ASP B 30 6.31 12.00 -2.02
C ASP B 30 5.21 12.27 -1.00
N SER B 31 5.11 11.50 0.03
CA SER B 31 4.00 11.78 0.94
C SER B 31 4.22 11.05 2.27
N GLN B 32 5.23 11.45 3.00
CA GLN B 32 5.52 10.79 4.29
C GLN B 32 4.25 10.63 5.13
N GLU B 33 3.24 11.39 4.86
CA GLU B 33 1.99 11.23 5.64
C GLU B 33 1.42 9.85 5.35
N VAL B 34 1.72 9.34 4.19
CA VAL B 34 1.22 7.99 3.82
C VAL B 34 2.13 6.93 4.47
N ARG B 35 3.40 7.17 4.49
CA ARG B 35 4.33 6.21 5.15
C ARG B 35 4.25 6.45 6.65
N ASP B 36 4.28 7.70 7.05
CA ASP B 36 4.15 8.01 8.49
C ASP B 36 2.87 7.37 8.96
N TYR B 37 1.97 7.23 8.02
CA TYR B 37 0.68 6.58 8.27
C TYR B 37 0.92 5.08 8.27
N CYS B 38 1.53 4.61 7.22
CA CYS B 38 1.84 3.16 7.11
C CYS B 38 2.52 2.68 8.39
N GLU B 39 3.55 3.36 8.81
CA GLU B 39 4.22 2.96 10.06
C GLU B 39 3.33 3.33 11.24
N LYS B 40 2.29 4.09 10.97
CA LYS B 40 1.36 4.43 12.07
C LYS B 40 0.38 3.29 12.12
N LYS B 41 0.13 2.77 10.95
CA LYS B 41 -0.78 1.62 10.82
C LYS B 41 -0.12 0.44 11.46
N GLY B 42 1.04 0.14 10.95
CA GLY B 42 1.82 -0.97 11.49
C GLY B 42 2.50 -1.80 10.40
N TRP B 43 3.26 -1.16 9.57
CA TRP B 43 4.03 -1.91 8.53
C TRP B 43 5.42 -1.49 8.75
N ILE B 44 5.50 -0.21 8.86
CA ILE B 44 6.74 0.50 9.16
C ILE B 44 7.56 0.72 7.90
N VAL B 45 6.94 0.51 6.79
CA VAL B 45 7.62 0.67 5.48
C VAL B 45 8.74 1.72 5.56
N ASN B 46 9.97 1.27 5.64
CA ASN B 46 11.10 2.24 5.73
C ASN B 46 12.44 1.47 5.84
N ILE B 47 12.55 0.60 6.80
CA ILE B 47 13.83 -0.17 6.96
C ILE B 47 13.61 -1.41 7.82
N THR B 48 14.59 -2.27 7.90
CA THR B 48 14.43 -3.51 8.73
C THR B 48 15.60 -3.64 9.72
N SER B 49 15.99 -2.56 10.33
CA SER B 49 17.12 -2.62 11.31
C SER B 49 16.64 -2.20 12.70
N GLN B 50 16.41 -0.93 12.90
CA GLN B 50 15.94 -0.46 14.24
C GLN B 50 14.46 -0.83 14.43
N VAL B 51 14.19 -1.96 15.02
CA VAL B 51 12.77 -2.36 15.23
C VAL B 51 12.45 -2.38 16.73
N GLN B 52 11.20 -2.18 17.08
CA GLN B 52 10.82 -2.19 18.52
C GLN B 52 9.60 -3.09 18.74
N THR B 53 9.80 -4.25 19.33
CA THR B 53 8.65 -5.17 19.57
C THR B 53 8.08 -4.92 20.98
N GLU B 54 6.81 -5.18 21.16
CA GLU B 54 6.19 -4.96 22.49
C GLU B 54 6.11 -6.28 23.28
N ARG B 55 6.28 -7.38 22.61
CA ARG B 55 6.21 -8.69 23.32
C ARG B 55 7.61 -9.33 23.41
N ASN B 56 8.43 -8.87 24.31
CA ASN B 56 9.80 -9.44 24.44
C ASN B 56 9.71 -10.95 24.65
N ILE B 57 10.81 -11.64 24.57
CA ILE B 57 10.78 -13.12 24.76
C ILE B 57 11.79 -13.54 25.84
N ASN B 58 12.77 -12.72 26.11
CA ASN B 58 13.77 -13.09 27.15
C ASN B 58 13.06 -13.66 28.38
N ARG B 59 11.85 -13.26 28.62
CA ARG B 59 11.10 -13.78 29.81
C ARG B 59 9.80 -14.45 29.36
N ALA B 60 9.07 -13.80 28.49
CA ALA B 60 7.78 -14.39 28.01
C ALA B 60 6.88 -14.73 29.20
N MET A 1 -13.37 -22.78 -13.25
CA MET A 1 -13.19 -24.06 -14.00
C MET A 1 -13.09 -23.78 -15.50
N GLY A 2 -11.97 -23.29 -15.96
CA GLY A 2 -11.82 -22.99 -17.41
C GLY A 2 -10.67 -23.82 -17.98
N PRO A 3 -10.26 -23.46 -19.17
CA PRO A 3 -9.15 -24.18 -19.85
C PRO A 3 -7.82 -23.80 -19.20
N LEU A 4 -7.64 -22.53 -18.95
CA LEU A 4 -6.37 -22.06 -18.32
C LEU A 4 -6.66 -20.91 -17.37
N GLN A 5 -5.64 -20.30 -16.83
CA GLN A 5 -5.88 -19.16 -15.91
C GLN A 5 -6.81 -18.15 -16.57
N TYR A 6 -6.90 -18.18 -17.87
CA TYR A 6 -7.78 -17.23 -18.60
C TYR A 6 -7.58 -15.81 -18.06
N LYS A 7 -8.40 -14.89 -18.48
CA LYS A 7 -8.25 -13.48 -17.99
C LYS A 7 -6.85 -12.97 -18.31
N ASP A 8 -6.43 -13.07 -19.55
CA ASP A 8 -5.07 -12.59 -19.92
C ASP A 8 -4.00 -13.35 -19.12
N LEU A 9 -2.77 -12.92 -19.20
CA LEU A 9 -1.70 -13.62 -18.43
C LEU A 9 -1.61 -13.05 -17.01
N LYS A 10 -0.54 -13.35 -16.31
CA LYS A 10 -0.41 -12.83 -14.91
C LYS A 10 0.83 -11.92 -14.81
N ILE A 11 1.25 -11.36 -15.91
CA ILE A 11 2.44 -10.47 -15.86
C ILE A 11 2.12 -9.09 -16.47
N ASP A 12 2.85 -8.70 -17.48
CA ASP A 12 2.60 -7.38 -18.11
C ASP A 12 2.30 -6.32 -17.04
N ILE A 13 1.20 -5.63 -17.17
CA ILE A 13 0.87 -4.58 -16.15
C ILE A 13 -0.49 -4.90 -15.50
N LYS A 14 -0.61 -6.07 -14.92
CA LYS A 14 -1.90 -6.44 -14.28
C LYS A 14 -2.47 -5.27 -13.47
N THR A 15 -3.75 -5.05 -13.56
CA THR A 15 -4.38 -3.94 -12.81
C THR A 15 -5.12 -4.47 -11.58
N SER A 16 -4.62 -4.21 -10.39
CA SER A 16 -5.30 -4.71 -9.17
C SER A 16 -6.74 -4.09 -9.09
N PRO A 17 -7.19 -3.37 -8.04
CA PRO A 17 -6.51 -2.99 -6.79
C PRO A 17 -7.13 -3.73 -5.62
N PRO A 18 -7.46 -4.98 -5.79
CA PRO A 18 -8.12 -5.71 -4.71
C PRO A 18 -7.26 -5.78 -3.43
N PRO A 19 -5.95 -5.80 -3.57
CA PRO A 19 -5.11 -5.77 -2.35
C PRO A 19 -5.09 -4.32 -1.87
N GLU A 20 -6.18 -3.88 -1.28
CA GLU A 20 -6.33 -2.46 -0.82
C GLU A 20 -5.21 -2.00 0.12
N CYS A 21 -3.97 -2.11 -0.26
CA CYS A 21 -2.92 -1.58 0.67
C CYS A 21 -2.79 -0.07 0.49
N ILE A 22 -3.05 0.43 -0.71
CA ILE A 22 -2.97 1.91 -0.93
C ILE A 22 -4.22 2.58 -0.41
N ASN A 23 -5.35 2.17 -0.88
CA ASN A 23 -6.59 2.82 -0.40
C ASN A 23 -6.73 2.60 1.10
N ASP A 24 -6.58 1.38 1.57
CA ASP A 24 -6.68 1.17 3.04
C ASP A 24 -5.61 2.02 3.69
N LEU A 25 -4.61 2.34 2.94
CA LEU A 25 -3.53 3.19 3.47
C LEU A 25 -3.96 4.62 3.40
N LEU A 26 -4.19 5.04 2.20
CA LEU A 26 -4.53 6.42 1.93
C LEU A 26 -5.94 6.72 2.38
N GLN A 27 -6.62 5.74 2.90
CA GLN A 27 -7.97 5.97 3.41
C GLN A 27 -7.84 6.87 4.63
N ALA A 28 -6.63 7.09 5.09
CA ALA A 28 -6.45 7.93 6.30
C ALA A 28 -5.40 9.03 6.12
N VAL A 29 -4.58 9.04 5.08
CA VAL A 29 -3.59 10.14 5.01
C VAL A 29 -4.02 11.17 3.97
N ASP A 30 -5.23 11.05 3.49
CA ASP A 30 -5.71 12.06 2.51
C ASP A 30 -4.63 12.31 1.49
N SER A 31 -4.64 11.63 0.40
CA SER A 31 -3.53 11.86 -0.53
C SER A 31 -3.84 11.24 -1.89
N GLN A 32 -4.83 11.78 -2.55
CA GLN A 32 -5.22 11.26 -3.88
C GLN A 32 -3.98 11.07 -4.76
N GLU A 33 -2.92 11.76 -4.47
CA GLU A 33 -1.70 11.57 -5.31
C GLU A 33 -1.19 10.14 -5.11
N VAL A 34 -1.50 9.56 -3.98
CA VAL A 34 -1.06 8.16 -3.73
C VAL A 34 -2.02 7.21 -4.44
N ARG A 35 -3.29 7.50 -4.41
CA ARG A 35 -4.26 6.63 -5.14
C ARG A 35 -4.20 7.00 -6.62
N ASP A 36 -4.16 8.28 -6.91
CA ASP A 36 -4.03 8.70 -8.33
C ASP A 36 -2.77 8.04 -8.85
N TYR A 37 -1.88 7.77 -7.94
CA TYR A 37 -0.63 7.09 -8.26
C TYR A 37 -0.93 5.60 -8.37
N CYS A 38 -1.57 5.08 -7.37
CA CYS A 38 -1.93 3.64 -7.37
C CYS A 38 -2.66 3.30 -8.67
N GLU A 39 -3.65 4.07 -9.03
CA GLU A 39 -4.34 3.80 -10.31
C GLU A 39 -3.43 4.24 -11.45
N LYS A 40 -2.36 4.91 -11.13
CA LYS A 40 -1.42 5.29 -12.21
C LYS A 40 -0.49 4.11 -12.35
N LYS A 41 -0.27 3.48 -11.24
CA LYS A 41 0.58 2.29 -11.20
C LYS A 41 -0.14 1.19 -11.93
N GLY A 42 -1.30 0.91 -11.43
CA GLY A 42 -2.15 -0.11 -12.05
C GLY A 42 -2.84 -1.00 -11.02
N TRP A 43 -3.57 -0.41 -10.13
CA TRP A 43 -4.35 -1.20 -9.15
C TRP A 43 -5.73 -0.71 -9.32
N ILE A 44 -5.76 0.58 -9.32
CA ILE A 44 -6.99 1.36 -9.52
C ILE A 44 -7.76 1.49 -8.24
N VAL A 45 -7.13 1.16 -7.17
CA VAL A 45 -7.78 1.21 -5.84
C VAL A 45 -8.88 2.27 -5.79
N ASN A 46 -10.12 1.84 -5.83
CA ASN A 46 -11.25 2.81 -5.80
C ASN A 46 -12.57 2.07 -5.58
N ILE A 47 -13.40 2.54 -4.69
CA ILE A 47 -14.70 1.85 -4.44
C ILE A 47 -15.87 2.72 -4.92
N THR A 48 -15.71 3.36 -6.05
CA THR A 48 -16.82 4.22 -6.57
C THR A 48 -17.21 3.74 -7.98
N SER A 49 -18.10 2.79 -8.06
CA SER A 49 -18.52 2.27 -9.39
C SER A 49 -18.89 3.43 -10.32
N GLN A 50 -18.23 3.54 -11.43
CA GLN A 50 -18.55 4.64 -12.39
C GLN A 50 -18.17 6.00 -11.79
N VAL A 51 -17.08 6.57 -12.22
CA VAL A 51 -16.66 7.89 -11.68
C VAL A 51 -16.40 8.87 -12.82
N GLN A 52 -16.98 10.03 -12.76
CA GLN A 52 -16.78 11.04 -13.84
C GLN A 52 -15.54 11.90 -13.54
N THR A 53 -14.48 11.29 -13.06
CA THR A 53 -13.26 12.07 -12.75
C THR A 53 -12.96 13.05 -13.89
N GLU A 54 -13.26 14.31 -13.70
CA GLU A 54 -12.99 15.31 -14.78
C GLU A 54 -12.91 16.71 -14.17
N ARG A 55 -11.75 17.31 -14.20
CA ARG A 55 -11.60 18.67 -13.61
C ARG A 55 -11.20 19.68 -14.70
N ASN A 56 -10.91 19.20 -15.87
CA ASN A 56 -10.51 20.14 -16.97
C ASN A 56 -11.41 19.94 -18.20
N ILE A 57 -11.72 20.99 -18.90
CA ILE A 57 -12.59 20.87 -20.09
C ILE A 57 -13.95 20.28 -19.71
N ASN A 58 -14.91 21.11 -19.39
CA ASN A 58 -16.24 20.60 -19.01
C ASN A 58 -17.33 21.31 -19.82
N ARG A 59 -17.47 22.59 -19.66
CA ARG A 59 -18.51 23.34 -20.42
C ARG A 59 -18.05 24.77 -20.67
N ALA A 60 -18.66 25.45 -21.60
CA ALA A 60 -18.27 26.87 -21.89
C ALA A 60 -19.19 27.83 -21.15
N MET B 1 16.75 -30.19 6.84
CA MET B 1 15.63 -29.88 7.76
C MET B 1 15.57 -28.37 8.03
N GLY B 2 16.27 -27.91 9.04
CA GLY B 2 16.25 -26.46 9.36
C GLY B 2 16.63 -26.24 10.82
N PRO B 3 16.08 -25.21 11.39
CA PRO B 3 16.37 -24.88 12.81
C PRO B 3 15.59 -25.82 13.74
N LEU B 4 14.37 -26.10 13.39
CA LEU B 4 13.53 -26.99 14.24
C LEU B 4 12.40 -27.59 13.40
N GLN B 5 11.41 -28.13 14.05
CA GLN B 5 10.27 -28.72 13.28
C GLN B 5 9.76 -27.70 12.26
N TYR B 6 10.03 -26.44 12.50
CA TYR B 6 9.58 -25.38 11.55
C TYR B 6 8.13 -25.62 11.15
N LYS B 7 7.19 -25.22 11.96
CA LYS B 7 5.76 -25.43 11.61
C LYS B 7 4.87 -24.42 12.34
N ASP B 8 5.23 -23.16 12.31
CA ASP B 8 4.39 -22.13 12.99
C ASP B 8 3.56 -21.36 11.96
N LEU B 9 3.08 -20.22 12.32
CA LEU B 9 2.26 -19.41 11.37
C LEU B 9 2.64 -17.93 11.46
N LYS B 10 2.09 -17.12 10.59
CA LYS B 10 2.43 -15.68 10.62
C LYS B 10 1.32 -14.87 9.94
N ILE B 11 0.21 -14.69 10.61
CA ILE B 11 -0.91 -13.91 10.00
C ILE B 11 -1.42 -12.86 10.99
N ASP B 12 -2.70 -12.86 11.27
CA ASP B 12 -3.26 -11.86 12.20
C ASP B 12 -2.79 -10.46 11.84
N ILE B 13 -3.05 -9.49 12.67
CA ILE B 13 -2.62 -8.09 12.38
C ILE B 13 -1.28 -7.80 13.05
N LYS B 14 -0.21 -7.78 12.31
CA LYS B 14 1.13 -7.51 12.93
C LYS B 14 1.81 -6.32 12.24
N THR B 15 3.01 -6.01 12.64
CA THR B 15 3.73 -4.86 12.01
C THR B 15 4.48 -5.35 10.76
N SER B 16 4.01 -4.98 9.59
CA SER B 16 4.71 -5.43 8.34
C SER B 16 6.18 -4.87 8.34
N PRO B 17 6.68 -4.12 7.35
CA PRO B 17 6.04 -3.62 6.12
C PRO B 17 6.65 -4.29 4.90
N PRO B 18 6.91 -5.56 5.00
CA PRO B 18 7.56 -6.25 3.88
C PRO B 18 6.72 -6.18 2.58
N PRO B 19 5.41 -6.17 2.70
CA PRO B 19 4.59 -6.00 1.47
C PRO B 19 4.67 -4.52 1.10
N GLU B 20 5.79 -4.12 0.54
CA GLU B 20 6.01 -2.67 0.18
C GLU B 20 4.93 -2.10 -0.73
N CYS B 21 3.68 -2.17 -0.38
CA CYS B 21 2.64 -1.54 -1.26
C CYS B 21 2.59 -0.04 -0.97
N ILE B 22 2.88 0.36 0.24
CA ILE B 22 2.86 1.82 0.57
C ILE B 22 4.15 2.46 0.10
N ASN B 23 5.26 1.97 0.56
CA ASN B 23 6.54 2.59 0.13
C ASN B 23 6.68 2.47 -1.39
N ASP B 24 6.47 1.30 -1.94
CA ASP B 24 6.56 1.17 -3.41
C ASP B 24 5.54 2.11 -4.01
N LEU B 25 4.57 2.49 -3.23
CA LEU B 25 3.54 3.42 -3.70
C LEU B 25 4.02 4.82 -3.51
N LEU B 26 4.25 5.13 -2.28
CA LEU B 26 4.63 6.48 -1.92
C LEU B 26 6.06 6.74 -2.33
N GLN B 27 6.71 5.76 -2.88
CA GLN B 27 8.08 5.96 -3.36
C GLN B 27 8.00 6.90 -4.56
N ALA B 28 6.80 7.17 -5.02
CA ALA B 28 6.64 8.05 -6.20
C ALA B 28 5.71 9.25 -5.95
N VAL B 29 4.89 9.28 -4.91
CA VAL B 29 4.02 10.48 -4.76
C VAL B 29 4.52 11.39 -3.65
N ASP B 30 5.69 11.13 -3.14
CA ASP B 30 6.22 12.03 -2.08
C ASP B 30 5.13 12.27 -1.06
N SER B 31 5.08 11.52 -0.01
CA SER B 31 3.98 11.76 0.92
C SER B 31 4.23 11.05 2.25
N GLN B 32 5.23 11.50 2.97
CA GLN B 32 5.57 10.89 4.27
C GLN B 32 4.32 10.70 5.11
N GLU B 33 3.28 11.43 4.84
CA GLU B 33 2.04 11.25 5.65
C GLU B 33 1.48 9.87 5.35
N VAL B 34 1.75 9.37 4.18
CA VAL B 34 1.26 8.02 3.81
C VAL B 34 2.16 6.97 4.47
N ARG B 35 3.44 7.22 4.49
CA ARG B 35 4.35 6.24 5.17
C ARG B 35 4.27 6.50 6.67
N ASP B 36 4.30 7.75 7.05
CA ASP B 36 4.16 8.07 8.50
C ASP B 36 2.86 7.43 8.94
N TYR B 37 1.99 7.26 7.99
CA TYR B 37 0.70 6.62 8.24
C TYR B 37 0.93 5.11 8.24
N CYS B 38 1.55 4.62 7.22
CA CYS B 38 1.84 3.17 7.13
C CYS B 38 2.52 2.71 8.42
N GLU B 39 3.53 3.40 8.85
CA GLU B 39 4.18 3.02 10.13
C GLU B 39 3.26 3.42 11.27
N LYS B 40 2.23 4.18 10.98
CA LYS B 40 1.28 4.54 12.05
C LYS B 40 0.30 3.41 12.10
N LYS B 41 0.09 2.83 10.95
CA LYS B 41 -0.82 1.70 10.81
C LYS B 41 -0.18 0.50 11.47
N GLY B 42 0.96 0.19 10.97
CA GLY B 42 1.73 -0.93 11.51
C GLY B 42 2.40 -1.77 10.42
N TRP B 43 3.19 -1.15 9.61
CA TRP B 43 3.96 -1.90 8.58
C TRP B 43 5.35 -1.50 8.82
N ILE B 44 5.44 -0.21 8.92
CA ILE B 44 6.69 0.49 9.20
C ILE B 44 7.51 0.68 7.95
N VAL B 45 6.88 0.49 6.84
CA VAL B 45 7.56 0.62 5.53
C VAL B 45 8.69 1.65 5.59
N ASN B 46 9.92 1.19 5.55
CA ASN B 46 11.06 2.14 5.63
C ASN B 46 12.38 1.39 5.43
N ILE B 47 12.98 1.51 4.27
CA ILE B 47 14.26 0.81 4.01
C ILE B 47 15.35 1.28 4.97
N THR B 48 16.16 0.38 5.46
CA THR B 48 17.24 0.79 6.40
C THR B 48 18.34 1.56 5.64
N SER B 49 18.01 2.71 5.13
CA SER B 49 19.04 3.50 4.38
C SER B 49 19.47 4.74 5.17
N GLN B 50 19.03 5.90 4.79
CA GLN B 50 19.43 7.14 5.53
C GLN B 50 18.74 7.19 6.89
N VAL B 51 19.49 7.34 7.94
CA VAL B 51 18.89 7.41 9.31
C VAL B 51 19.05 8.83 9.87
N GLN B 52 18.19 9.24 10.76
CA GLN B 52 18.32 10.62 11.33
C GLN B 52 18.36 10.57 12.86
N THR B 53 18.54 11.69 13.49
CA THR B 53 18.59 11.73 14.98
C THR B 53 17.80 12.94 15.49
N GLU B 54 17.91 14.05 14.84
CA GLU B 54 17.18 15.26 15.29
C GLU B 54 17.52 15.58 16.75
N ARG B 55 18.24 16.64 16.97
CA ARG B 55 18.61 17.00 18.38
C ARG B 55 17.35 17.35 19.18
N ASN B 56 17.52 17.76 20.41
CA ASN B 56 16.34 18.12 21.25
C ASN B 56 16.78 19.00 22.42
N ILE B 57 15.93 19.16 23.40
CA ILE B 57 16.30 20.01 24.57
C ILE B 57 17.04 19.17 25.61
N ASN B 58 17.21 19.69 26.80
CA ASN B 58 17.93 18.93 27.85
C ASN B 58 17.42 19.35 29.24
N ARG B 59 17.34 18.43 30.16
CA ARG B 59 16.86 18.77 31.52
C ARG B 59 18.04 19.23 32.39
N ALA B 60 18.01 20.45 32.85
CA ALA B 60 19.13 20.96 33.70
C ALA B 60 18.75 22.30 34.31
N MET A 1 -24.54 -21.07 -25.72
CA MET A 1 -24.84 -19.92 -24.82
C MET A 1 -23.63 -18.98 -24.74
N GLY A 2 -23.59 -17.96 -25.56
CA GLY A 2 -22.45 -17.02 -25.54
C GLY A 2 -21.45 -17.38 -26.65
N PRO A 3 -20.94 -16.37 -27.29
CA PRO A 3 -19.98 -16.58 -28.40
C PRO A 3 -18.61 -16.97 -27.83
N LEU A 4 -18.18 -16.27 -26.81
CA LEU A 4 -16.86 -16.56 -26.19
C LEU A 4 -16.92 -16.28 -24.69
N GLN A 5 -18.00 -16.65 -24.06
CA GLN A 5 -18.12 -16.38 -22.60
C GLN A 5 -18.25 -14.87 -22.39
N TYR A 6 -18.39 -14.12 -23.45
CA TYR A 6 -18.51 -12.64 -23.34
C TYR A 6 -17.61 -12.09 -22.23
N LYS A 7 -17.88 -10.91 -21.76
CA LYS A 7 -17.05 -10.30 -20.69
C LYS A 7 -15.66 -9.95 -21.24
N ASP A 8 -15.20 -8.76 -21.00
CA ASP A 8 -13.85 -8.36 -21.51
C ASP A 8 -12.86 -8.23 -20.34
N LEU A 9 -11.89 -9.12 -20.28
CA LEU A 9 -10.90 -9.04 -19.17
C LEU A 9 -9.47 -9.16 -19.74
N LYS A 10 -8.48 -8.85 -18.95
CA LYS A 10 -7.08 -8.94 -19.44
C LYS A 10 -6.87 -8.00 -20.63
N ILE A 11 -6.06 -6.99 -20.45
CA ILE A 11 -5.82 -6.04 -21.58
C ILE A 11 -4.39 -5.51 -21.52
N ASP A 12 -4.20 -4.32 -21.01
CA ASP A 12 -2.84 -3.75 -20.94
C ASP A 12 -2.02 -4.49 -19.88
N ILE A 13 -1.35 -3.77 -19.03
CA ILE A 13 -0.53 -4.44 -17.97
C ILE A 13 -1.42 -4.86 -16.81
N LYS A 14 -0.89 -5.59 -15.87
CA LYS A 14 -1.72 -6.04 -14.70
C LYS A 14 -2.38 -4.84 -14.01
N THR A 15 -3.55 -5.02 -13.48
CA THR A 15 -4.24 -3.90 -12.77
C THR A 15 -4.99 -4.44 -11.55
N SER A 16 -4.49 -4.19 -10.36
CA SER A 16 -5.19 -4.69 -9.14
C SER A 16 -6.64 -4.09 -9.07
N PRO A 17 -7.09 -3.37 -8.02
CA PRO A 17 -6.41 -2.99 -6.77
C PRO A 17 -7.03 -3.73 -5.59
N PRO A 18 -7.40 -4.96 -5.78
CA PRO A 18 -8.06 -5.69 -4.70
C PRO A 18 -7.20 -5.72 -3.42
N PRO A 19 -5.89 -5.82 -3.55
CA PRO A 19 -5.05 -5.74 -2.33
C PRO A 19 -5.06 -4.29 -1.86
N GLU A 20 -6.17 -3.88 -1.28
CA GLU A 20 -6.34 -2.45 -0.82
C GLU A 20 -5.23 -1.97 0.13
N CYS A 21 -3.99 -2.09 -0.24
CA CYS A 21 -2.93 -1.57 0.69
C CYS A 21 -2.81 -0.05 0.51
N ILE A 22 -3.06 0.45 -0.67
CA ILE A 22 -2.98 1.93 -0.88
C ILE A 22 -4.23 2.60 -0.35
N ASN A 23 -5.37 2.18 -0.81
CA ASN A 23 -6.60 2.81 -0.30
C ASN A 23 -6.72 2.56 1.20
N ASP A 24 -6.63 1.34 1.65
CA ASP A 24 -6.70 1.09 3.11
C ASP A 24 -5.64 1.95 3.77
N LEU A 25 -4.65 2.31 3.01
CA LEU A 25 -3.58 3.16 3.53
C LEU A 25 -4.02 4.60 3.47
N LEU A 26 -4.22 5.02 2.27
CA LEU A 26 -4.56 6.40 2.00
C LEU A 26 -5.97 6.73 2.45
N GLN A 27 -6.68 5.78 2.97
CA GLN A 27 -8.03 6.07 3.45
C GLN A 27 -7.89 6.97 4.68
N ALA A 28 -6.67 7.16 5.14
CA ALA A 28 -6.47 8.00 6.35
C ALA A 28 -5.42 9.10 6.15
N VAL A 29 -4.58 9.08 5.12
CA VAL A 29 -3.59 10.20 5.03
C VAL A 29 -4.03 11.20 3.99
N ASP A 30 -5.24 11.09 3.52
CA ASP A 30 -5.73 12.09 2.55
C ASP A 30 -4.65 12.33 1.51
N SER A 31 -4.66 11.61 0.44
CA SER A 31 -3.57 11.83 -0.50
C SER A 31 -3.89 11.18 -1.85
N GLN A 32 -4.89 11.69 -2.51
CA GLN A 32 -5.27 11.12 -3.83
C GLN A 32 -4.03 10.97 -4.69
N GLU A 33 -3.00 11.71 -4.42
CA GLU A 33 -1.77 11.54 -5.23
C GLU A 33 -1.24 10.12 -5.04
N VAL A 34 -1.54 9.52 -3.92
CA VAL A 34 -1.08 8.12 -3.69
C VAL A 34 -2.03 7.18 -4.41
N ARG A 35 -3.31 7.44 -4.34
CA ARG A 35 -4.29 6.57 -5.06
C ARG A 35 -4.23 6.94 -6.54
N ASP A 36 -4.21 8.21 -6.83
CA ASP A 36 -4.10 8.65 -8.24
C ASP A 36 -2.83 8.01 -8.78
N TYR A 37 -1.93 7.76 -7.89
CA TYR A 37 -0.67 7.10 -8.23
C TYR A 37 -0.95 5.61 -8.33
N CYS A 38 -1.57 5.07 -7.32
CA CYS A 38 -1.92 3.64 -7.32
C CYS A 38 -2.64 3.29 -8.62
N GLU A 39 -3.66 4.03 -8.96
CA GLU A 39 -4.35 3.76 -10.25
C GLU A 39 -3.45 4.21 -11.38
N LYS A 40 -2.38 4.90 -11.06
CA LYS A 40 -1.45 5.30 -12.14
C LYS A 40 -0.51 4.13 -12.30
N LYS A 41 -0.27 3.49 -11.19
CA LYS A 41 0.60 2.32 -11.17
C LYS A 41 -0.10 1.21 -11.89
N GLY A 42 -1.25 0.91 -11.40
CA GLY A 42 -2.08 -0.13 -12.00
C GLY A 42 -2.77 -1.01 -10.96
N TRP A 43 -3.52 -0.41 -10.09
CA TRP A 43 -4.30 -1.20 -9.11
C TRP A 43 -5.67 -0.73 -9.29
N ILE A 44 -5.71 0.56 -9.30
CA ILE A 44 -6.93 1.33 -9.53
C ILE A 44 -7.73 1.47 -8.26
N VAL A 45 -7.09 1.20 -7.17
CA VAL A 45 -7.75 1.28 -5.84
C VAL A 45 -8.84 2.36 -5.84
N ASN A 46 -10.08 1.97 -5.82
CA ASN A 46 -11.17 2.98 -5.85
C ASN A 46 -12.51 2.33 -5.49
N ILE A 47 -12.58 1.72 -4.34
CA ILE A 47 -13.87 1.08 -3.93
C ILE A 47 -14.40 0.21 -5.07
N THR A 48 -14.10 -1.07 -5.05
CA THR A 48 -14.60 -1.97 -6.12
C THR A 48 -15.60 -2.97 -5.55
N SER A 49 -15.49 -4.23 -5.88
CA SER A 49 -16.43 -5.24 -5.34
C SER A 49 -16.33 -5.30 -3.82
N GLN A 50 -16.90 -4.33 -3.14
CA GLN A 50 -16.84 -4.32 -1.65
C GLN A 50 -18.09 -3.66 -1.08
N VAL A 51 -19.25 -4.06 -1.53
CA VAL A 51 -20.51 -3.45 -1.02
C VAL A 51 -21.42 -4.53 -0.44
N GLN A 52 -22.39 -4.15 0.34
CA GLN A 52 -23.31 -5.17 0.93
C GLN A 52 -24.73 -4.99 0.40
N THR A 53 -24.91 -5.03 -0.90
CA THR A 53 -26.27 -4.86 -1.47
C THR A 53 -26.93 -6.22 -1.68
N GLU A 54 -26.94 -7.05 -0.67
CA GLU A 54 -27.56 -8.40 -0.82
C GLU A 54 -26.81 -9.22 -1.87
N ARG A 55 -25.76 -9.89 -1.48
CA ARG A 55 -24.98 -10.71 -2.45
C ARG A 55 -24.53 -9.84 -3.63
N ASN A 56 -23.86 -10.43 -4.58
CA ASN A 56 -23.40 -9.63 -5.76
C ASN A 56 -23.25 -10.54 -6.98
N ILE A 57 -24.32 -11.15 -7.40
CA ILE A 57 -24.24 -12.04 -8.59
C ILE A 57 -25.37 -11.70 -9.58
N ASN A 58 -26.60 -11.92 -9.20
CA ASN A 58 -27.72 -11.59 -10.11
C ASN A 58 -27.40 -12.03 -11.54
N ARG A 59 -27.68 -13.26 -11.88
CA ARG A 59 -27.38 -13.74 -13.25
C ARG A 59 -28.44 -13.20 -14.23
N ALA A 60 -28.02 -12.37 -15.16
CA ALA A 60 -29.00 -11.82 -16.14
C ALA A 60 -28.30 -11.52 -17.47
N MET B 1 5.45 9.22 27.84
CA MET B 1 5.05 7.92 27.22
C MET B 1 5.74 6.77 27.95
N GLY B 2 6.65 7.06 28.84
CA GLY B 2 7.36 5.98 29.59
C GLY B 2 8.15 6.58 30.75
N PRO B 3 7.43 7.11 31.70
CA PRO B 3 8.08 7.71 32.89
C PRO B 3 8.60 6.61 33.82
N LEU B 4 7.83 5.58 33.99
CA LEU B 4 8.24 4.45 34.87
C LEU B 4 7.62 3.16 34.34
N GLN B 5 8.00 2.73 33.16
CA GLN B 5 7.40 1.50 32.61
C GLN B 5 5.89 1.58 32.81
N TYR B 6 5.37 2.77 32.84
CA TYR B 6 3.91 3.00 33.05
C TYR B 6 3.09 1.86 32.41
N LYS B 7 1.93 1.60 32.94
CA LYS B 7 1.08 0.52 32.37
C LYS B 7 1.05 0.59 30.84
N ASP B 8 0.79 -0.51 30.19
CA ASP B 8 0.76 -0.51 28.71
C ASP B 8 -0.03 -1.72 28.20
N LEU B 9 -1.09 -1.50 27.48
CA LEU B 9 -1.89 -2.63 26.97
C LEU B 9 -2.50 -2.29 25.61
N LYS B 10 -1.69 -1.92 24.65
CA LYS B 10 -2.23 -1.57 23.32
C LYS B 10 -1.09 -1.29 22.33
N ILE B 11 -0.01 -2.02 22.44
CA ILE B 11 1.13 -1.79 21.51
C ILE B 11 1.41 -3.07 20.71
N ASP B 12 0.59 -4.06 20.89
CA ASP B 12 0.82 -5.34 20.15
C ASP B 12 0.48 -5.18 18.67
N ILE B 13 -0.54 -5.85 18.19
CA ILE B 13 -0.91 -5.73 16.74
C ILE B 13 0.28 -6.13 15.86
N LYS B 14 0.01 -6.67 14.70
CA LYS B 14 1.13 -7.09 13.80
C LYS B 14 1.78 -5.86 13.15
N THR B 15 2.97 -6.02 12.65
CA THR B 15 3.68 -4.87 11.99
C THR B 15 4.41 -5.35 10.74
N SER B 16 3.94 -4.96 9.57
CA SER B 16 4.62 -5.41 8.31
C SER B 16 6.08 -4.88 8.31
N PRO B 17 6.60 -4.12 7.33
CA PRO B 17 5.97 -3.61 6.10
C PRO B 17 6.57 -4.30 4.87
N PRO B 18 6.84 -5.57 4.98
CA PRO B 18 7.48 -6.25 3.86
C PRO B 18 6.65 -6.16 2.57
N PRO B 19 5.33 -6.17 2.67
CA PRO B 19 4.52 -5.97 1.46
C PRO B 19 4.63 -4.49 1.09
N GLU B 20 5.74 -4.11 0.51
CA GLU B 20 5.98 -2.66 0.17
C GLU B 20 4.90 -2.07 -0.74
N CYS B 21 3.66 -2.15 -0.38
CA CYS B 21 2.62 -1.53 -1.26
C CYS B 21 2.56 -0.02 -0.98
N ILE B 22 2.84 0.39 0.23
CA ILE B 22 2.83 1.85 0.54
C ILE B 22 4.12 2.49 0.06
N ASN B 23 5.23 1.99 0.51
CA ASN B 23 6.50 2.60 0.07
C ASN B 23 6.63 2.45 -1.45
N ASP B 24 6.49 1.27 -1.98
CA ASP B 24 6.58 1.13 -3.46
C ASP B 24 5.56 2.08 -4.06
N LEU B 25 4.59 2.44 -3.29
CA LEU B 25 3.57 3.38 -3.77
C LEU B 25 4.07 4.78 -3.60
N LEU B 26 4.24 5.11 -2.36
CA LEU B 26 4.62 6.45 -1.98
C LEU B 26 6.06 6.75 -2.39
N GLN B 27 6.74 5.80 -2.96
CA GLN B 27 8.11 6.06 -3.42
C GLN B 27 8.01 7.03 -4.60
N ALA B 28 6.80 7.28 -5.07
CA ALA B 28 6.62 8.17 -6.24
C ALA B 28 5.70 9.37 -5.96
N VAL B 29 4.86 9.36 -4.94
CA VAL B 29 3.99 10.56 -4.77
C VAL B 29 4.50 11.43 -3.64
N ASP B 30 5.69 11.19 -3.17
CA ASP B 30 6.23 12.07 -2.10
C ASP B 30 5.17 12.31 -1.06
N SER B 31 5.10 11.52 -0.05
CA SER B 31 4.01 11.75 0.90
C SER B 31 4.26 11.00 2.20
N GLN B 32 5.27 11.41 2.91
CA GLN B 32 5.60 10.75 4.20
C GLN B 32 4.34 10.60 5.04
N GLU B 33 3.34 11.39 4.80
CA GLU B 33 2.10 11.22 5.60
C GLU B 33 1.51 9.85 5.32
N VAL B 34 1.78 9.35 4.14
CA VAL B 34 1.27 8.01 3.76
C VAL B 34 2.17 6.95 4.41
N ARG B 35 3.45 7.16 4.41
CA ARG B 35 4.36 6.19 5.07
C ARG B 35 4.31 6.43 6.57
N ASP B 36 4.34 7.68 6.97
CA ASP B 36 4.23 8.00 8.41
C ASP B 36 2.93 7.37 8.88
N TYR B 37 2.04 7.25 7.95
CA TYR B 37 0.73 6.63 8.21
C TYR B 37 0.95 5.12 8.21
N CYS B 38 1.56 4.63 7.19
CA CYS B 38 1.83 3.19 7.08
C CYS B 38 2.51 2.71 8.36
N GLU B 39 3.55 3.38 8.78
CA GLU B 39 4.21 2.98 10.04
C GLU B 39 3.32 3.40 11.20
N LYS B 40 2.28 4.17 10.92
CA LYS B 40 1.35 4.55 12.00
C LYS B 40 0.35 3.42 12.07
N LYS B 41 0.11 2.86 10.92
CA LYS B 41 -0.82 1.74 10.80
C LYS B 41 -0.19 0.56 11.46
N GLY B 42 0.96 0.23 10.96
CA GLY B 42 1.73 -0.89 11.50
C GLY B 42 2.38 -1.74 10.40
N TRP B 43 3.17 -1.12 9.58
CA TRP B 43 3.92 -1.89 8.54
C TRP B 43 5.32 -1.50 8.78
N ILE B 44 5.43 -0.22 8.88
CA ILE B 44 6.69 0.46 9.17
C ILE B 44 7.52 0.67 7.92
N VAL B 45 6.89 0.49 6.81
CA VAL B 45 7.57 0.63 5.50
C VAL B 45 8.72 1.64 5.58
N ASN B 46 9.94 1.18 5.46
CA ASN B 46 11.10 2.12 5.53
C ASN B 46 12.41 1.34 5.41
N ILE B 47 13.23 1.71 4.46
CA ILE B 47 14.53 1.00 4.28
C ILE B 47 15.67 2.02 4.12
N THR B 48 16.84 1.69 4.60
CA THR B 48 17.99 2.64 4.47
C THR B 48 18.43 2.75 3.01
N SER B 49 18.16 3.86 2.39
CA SER B 49 18.56 4.03 0.96
C SER B 49 18.10 5.40 0.45
N GLN B 50 18.78 5.93 -0.54
CA GLN B 50 18.38 7.26 -1.07
C GLN B 50 18.51 8.33 0.02
N VAL B 51 17.47 9.10 0.25
CA VAL B 51 17.54 10.15 1.30
C VAL B 51 18.78 11.03 1.08
N GLN B 52 18.70 11.97 0.18
CA GLN B 52 19.87 12.86 -0.08
C GLN B 52 21.17 12.05 -0.07
N THR B 53 21.48 11.39 -1.17
CA THR B 53 22.73 10.59 -1.22
C THR B 53 23.94 11.51 -1.41
N GLU B 54 24.88 11.11 -2.22
CA GLU B 54 26.08 11.97 -2.44
C GLU B 54 26.91 11.44 -3.60
N ARG B 55 26.87 12.10 -4.72
CA ARG B 55 27.66 11.63 -5.90
C ARG B 55 29.09 11.29 -5.47
N ASN B 56 29.60 11.96 -4.47
CA ASN B 56 30.99 11.68 -4.01
C ASN B 56 31.01 10.44 -3.11
N ILE B 57 31.95 10.36 -2.21
CA ILE B 57 32.02 9.18 -1.30
C ILE B 57 33.18 9.34 -0.31
N ASN B 58 32.94 9.05 0.94
CA ASN B 58 34.02 9.18 1.95
C ASN B 58 34.73 7.85 2.16
N ARG B 59 34.08 6.91 2.78
CA ARG B 59 34.71 5.58 3.00
C ARG B 59 36.01 5.74 3.79
N ALA B 60 35.93 5.95 5.07
CA ALA B 60 37.17 6.12 5.88
C ALA B 60 36.96 5.53 7.28
N MET A 1 -10.79 -22.19 -33.68
CA MET A 1 -10.47 -20.90 -34.36
C MET A 1 -9.30 -20.22 -33.65
N GLY A 2 -8.26 -20.93 -33.36
CA GLY A 2 -7.10 -20.33 -32.65
C GLY A 2 -5.83 -20.53 -33.48
N PRO A 3 -4.95 -19.57 -33.42
CA PRO A 3 -3.68 -19.65 -34.18
C PRO A 3 -2.72 -20.61 -33.48
N LEU A 4 -2.56 -20.45 -32.19
CA LEU A 4 -1.64 -21.33 -31.42
C LEU A 4 -2.21 -21.57 -30.02
N GLN A 5 -1.45 -22.17 -29.15
CA GLN A 5 -1.95 -22.41 -27.78
C GLN A 5 -2.50 -21.10 -27.22
N TYR A 6 -1.96 -19.99 -27.67
CA TYR A 6 -2.45 -18.66 -27.19
C TYR A 6 -2.32 -18.57 -25.67
N LYS A 7 -2.04 -17.39 -25.17
CA LYS A 7 -1.90 -17.22 -23.69
C LYS A 7 -1.71 -15.74 -23.34
N ASP A 8 -2.74 -15.11 -22.84
CA ASP A 8 -2.62 -13.66 -22.49
C ASP A 8 -2.05 -12.87 -23.67
N LEU A 9 -1.57 -11.68 -23.44
CA LEU A 9 -1.01 -10.87 -24.55
C LEU A 9 0.52 -10.74 -24.39
N LYS A 10 1.06 -9.59 -24.65
CA LYS A 10 2.53 -9.41 -24.51
C LYS A 10 2.85 -8.08 -23.83
N ILE A 11 1.96 -7.59 -23.01
CA ILE A 11 2.22 -6.29 -22.33
C ILE A 11 2.29 -6.51 -20.82
N ASP A 12 1.64 -7.53 -20.37
CA ASP A 12 1.62 -7.82 -18.92
C ASP A 12 1.08 -6.62 -18.14
N ILE A 13 1.71 -6.26 -17.06
CA ILE A 13 1.22 -5.10 -16.26
C ILE A 13 -0.26 -5.29 -15.93
N LYS A 14 -0.56 -6.05 -14.91
CA LYS A 14 -1.98 -6.27 -14.53
C LYS A 14 -2.51 -5.08 -13.72
N THR A 15 -3.80 -5.01 -13.54
CA THR A 15 -4.38 -3.88 -12.76
C THR A 15 -5.13 -4.41 -11.54
N SER A 16 -4.63 -4.15 -10.35
CA SER A 16 -5.34 -4.65 -9.12
C SER A 16 -6.75 -4.00 -9.05
N PRO A 17 -7.19 -3.28 -8.00
CA PRO A 17 -6.50 -2.93 -6.74
C PRO A 17 -7.13 -3.68 -5.56
N PRO A 18 -7.49 -4.91 -5.76
CA PRO A 18 -8.17 -5.64 -4.69
C PRO A 18 -7.30 -5.74 -3.42
N PRO A 19 -6.00 -5.84 -3.55
CA PRO A 19 -5.15 -5.83 -2.34
C PRO A 19 -5.11 -4.39 -1.84
N GLU A 20 -6.21 -3.94 -1.27
CA GLU A 20 -6.34 -2.53 -0.80
C GLU A 20 -5.23 -2.08 0.15
N CYS A 21 -3.99 -2.16 -0.23
CA CYS A 21 -2.93 -1.64 0.70
C CYS A 21 -2.82 -0.13 0.55
N ILE A 22 -3.07 0.40 -0.64
CA ILE A 22 -2.99 1.87 -0.82
C ILE A 22 -4.26 2.53 -0.30
N ASN A 23 -5.38 2.13 -0.79
CA ASN A 23 -6.62 2.76 -0.29
C ASN A 23 -6.74 2.51 1.21
N ASP A 24 -6.61 1.29 1.65
CA ASP A 24 -6.67 1.05 3.12
C ASP A 24 -5.66 1.95 3.77
N LEU A 25 -4.69 2.36 3.01
CA LEU A 25 -3.65 3.24 3.54
C LEU A 25 -4.08 4.68 3.41
N LEU A 26 -4.23 5.07 2.19
CA LEU A 26 -4.53 6.44 1.87
C LEU A 26 -5.96 6.82 2.25
N GLN A 27 -6.75 5.87 2.65
CA GLN A 27 -8.12 6.22 3.06
C GLN A 27 -8.01 7.02 4.36
N ALA A 28 -6.81 7.12 4.91
CA ALA A 28 -6.62 7.85 6.18
C ALA A 28 -5.67 9.05 6.02
N VAL A 29 -4.80 9.10 5.04
CA VAL A 29 -3.90 10.28 4.98
C VAL A 29 -4.37 11.25 3.92
N ASP A 30 -5.53 11.05 3.39
CA ASP A 30 -6.03 12.02 2.36
C ASP A 30 -4.92 12.32 1.38
N SER A 31 -4.83 11.61 0.32
CA SER A 31 -3.71 11.88 -0.57
C SER A 31 -3.96 11.24 -1.94
N GLN A 32 -4.95 11.74 -2.63
CA GLN A 32 -5.27 11.18 -3.97
C GLN A 32 -4.01 11.02 -4.80
N GLU A 33 -2.97 11.73 -4.48
CA GLU A 33 -1.72 11.57 -5.27
C GLU A 33 -1.21 10.14 -5.10
N VAL A 34 -1.45 9.58 -3.95
CA VAL A 34 -1.01 8.17 -3.73
C VAL A 34 -1.97 7.22 -4.44
N ARG A 35 -3.25 7.50 -4.41
CA ARG A 35 -4.21 6.63 -5.14
C ARG A 35 -4.14 6.97 -6.62
N ASP A 36 -4.11 8.25 -6.92
CA ASP A 36 -3.99 8.66 -8.34
C ASP A 36 -2.73 8.01 -8.86
N TYR A 37 -1.82 7.78 -7.96
CA TYR A 37 -0.57 7.10 -8.28
C TYR A 37 -0.87 5.62 -8.37
N CYS A 38 -1.51 5.10 -7.36
CA CYS A 38 -1.87 3.67 -7.33
C CYS A 38 -2.60 3.32 -8.62
N GLU A 39 -3.58 4.08 -9.00
CA GLU A 39 -4.29 3.79 -10.27
C GLU A 39 -3.38 4.21 -11.42
N LYS A 40 -2.30 4.88 -11.11
CA LYS A 40 -1.35 5.24 -12.20
C LYS A 40 -0.44 4.05 -12.32
N LYS A 41 -0.21 3.44 -11.21
CA LYS A 41 0.63 2.24 -11.15
C LYS A 41 -0.10 1.14 -11.87
N GLY A 42 -1.26 0.88 -11.37
CA GLY A 42 -2.12 -0.14 -11.97
C GLY A 42 -2.83 -1.00 -10.92
N TRP A 43 -3.56 -0.38 -10.04
CA TRP A 43 -4.36 -1.16 -9.06
C TRP A 43 -5.72 -0.65 -9.25
N ILE A 44 -5.73 0.64 -9.27
CA ILE A 44 -6.94 1.44 -9.51
C ILE A 44 -7.73 1.63 -8.24
N VAL A 45 -7.12 1.31 -7.14
CA VAL A 45 -7.79 1.44 -5.82
C VAL A 45 -8.84 2.56 -5.84
N ASN A 46 -10.08 2.21 -6.04
CA ASN A 46 -11.13 3.26 -6.10
C ASN A 46 -12.51 2.64 -5.80
N ILE A 47 -13.52 3.00 -6.54
CA ILE A 47 -14.88 2.42 -6.29
C ILE A 47 -15.56 2.08 -7.62
N THR A 48 -14.85 2.16 -8.70
CA THR A 48 -15.47 1.84 -10.02
C THR A 48 -14.46 1.09 -10.91
N SER A 49 -13.95 -0.01 -10.44
CA SER A 49 -12.97 -0.78 -11.26
C SER A 49 -13.52 -2.16 -11.59
N GLN A 50 -14.45 -2.65 -10.81
CA GLN A 50 -15.03 -4.00 -11.09
C GLN A 50 -16.08 -3.91 -12.20
N VAL A 51 -15.64 -3.89 -13.43
CA VAL A 51 -16.61 -3.80 -14.56
C VAL A 51 -17.13 -5.20 -14.91
N GLN A 52 -16.32 -6.00 -15.55
CA GLN A 52 -16.75 -7.38 -15.92
C GLN A 52 -17.98 -7.31 -16.85
N THR A 53 -19.14 -7.06 -16.32
CA THR A 53 -20.36 -6.98 -17.17
C THR A 53 -20.35 -8.10 -18.22
N GLU A 54 -21.10 -7.95 -19.27
CA GLU A 54 -21.13 -9.00 -20.33
C GLU A 54 -21.93 -8.50 -21.54
N ARG A 55 -23.18 -8.20 -21.36
CA ARG A 55 -24.00 -7.73 -22.51
C ARG A 55 -23.74 -8.61 -23.74
N ASN A 56 -24.04 -9.87 -23.65
CA ASN A 56 -23.82 -10.78 -24.81
C ASN A 56 -24.74 -10.40 -25.97
N ILE A 57 -24.19 -10.28 -27.15
CA ILE A 57 -25.04 -9.91 -28.32
C ILE A 57 -26.32 -10.73 -28.33
N ASN A 58 -27.45 -10.10 -28.44
CA ASN A 58 -28.74 -10.86 -28.44
C ASN A 58 -29.90 -9.93 -28.85
N ARG A 59 -29.62 -8.93 -29.63
CA ARG A 59 -30.71 -8.00 -30.05
C ARG A 59 -31.87 -8.78 -30.66
N ALA A 60 -31.58 -9.76 -31.48
CA ALA A 60 -32.67 -10.56 -32.11
C ALA A 60 -32.57 -12.02 -31.66
N MET B 1 -5.65 15.01 30.69
CA MET B 1 -6.46 14.02 29.91
C MET B 1 -6.82 14.58 28.53
N GLY B 2 -7.71 15.53 28.48
CA GLY B 2 -8.09 16.12 27.15
C GLY B 2 -9.61 16.06 26.99
N PRO B 3 -10.03 15.89 25.77
CA PRO B 3 -11.48 15.83 25.46
C PRO B 3 -12.03 14.46 25.91
N LEU B 4 -11.18 13.49 26.02
CA LEU B 4 -11.63 12.14 26.43
C LEU B 4 -10.43 11.27 26.79
N GLN B 5 -10.65 10.03 27.14
CA GLN B 5 -9.51 9.14 27.48
C GLN B 5 -8.43 9.25 26.38
N TYR B 6 -8.84 9.66 25.21
CA TYR B 6 -7.85 9.80 24.10
C TYR B 6 -7.01 8.52 23.96
N LYS B 7 -6.06 8.53 23.07
CA LYS B 7 -5.19 7.34 22.88
C LYS B 7 -6.05 6.09 22.64
N ASP B 8 -7.09 6.22 21.85
CA ASP B 8 -7.96 5.04 21.58
C ASP B 8 -7.40 4.23 20.40
N LEU B 9 -6.18 4.53 20.02
CA LEU B 9 -5.56 3.79 18.88
C LEU B 9 -5.57 2.28 19.15
N LYS B 10 -4.86 1.54 18.33
CA LYS B 10 -4.81 0.06 18.51
C LYS B 10 -3.88 -0.55 17.46
N ILE B 11 -2.60 -0.32 17.59
CA ILE B 11 -1.64 -0.89 16.60
C ILE B 11 -0.58 -1.73 17.30
N ASP B 12 0.67 -1.44 17.05
CA ASP B 12 1.77 -2.20 17.69
C ASP B 12 1.79 -3.65 17.19
N ILE B 13 0.79 -4.41 17.53
CA ILE B 13 0.76 -5.84 17.08
C ILE B 13 0.75 -5.92 15.55
N LYS B 14 1.15 -7.03 15.00
CA LYS B 14 1.16 -7.17 13.52
C LYS B 14 1.83 -5.95 12.86
N THR B 15 3.11 -6.01 12.64
CA THR B 15 3.81 -4.86 11.99
C THR B 15 4.57 -5.33 10.74
N SER B 16 4.09 -4.97 9.57
CA SER B 16 4.79 -5.40 8.31
C SER B 16 6.24 -4.83 8.31
N PRO B 17 6.73 -4.06 7.32
CA PRO B 17 6.07 -3.58 6.08
C PRO B 17 6.69 -4.27 4.86
N PRO B 18 6.98 -5.53 4.98
CA PRO B 18 7.63 -6.22 3.86
C PRO B 18 6.79 -6.17 2.57
N PRO B 19 5.48 -6.23 2.69
CA PRO B 19 4.65 -6.08 1.47
C PRO B 19 4.70 -4.60 1.08
N GLU B 20 5.80 -4.19 0.53
CA GLU B 20 6.00 -2.74 0.16
C GLU B 20 4.90 -2.18 -0.76
N CYS B 21 3.67 -2.24 -0.37
CA CYS B 21 2.62 -1.62 -1.25
C CYS B 21 2.57 -0.11 -1.00
N ILE B 22 2.85 0.31 0.22
CA ILE B 22 2.84 1.78 0.51
C ILE B 22 4.13 2.42 0.03
N ASN B 23 5.24 1.93 0.48
CA ASN B 23 6.52 2.53 0.04
C ASN B 23 6.63 2.38 -1.48
N ASP B 24 6.48 1.19 -2.01
CA ASP B 24 6.55 1.07 -3.48
C ASP B 24 5.56 2.05 -4.07
N LEU B 25 4.61 2.43 -3.29
CA LEU B 25 3.61 3.39 -3.76
C LEU B 25 4.10 4.79 -3.53
N LEU B 26 4.22 5.09 -2.29
CA LEU B 26 4.59 6.44 -1.87
C LEU B 26 6.03 6.76 -2.23
N GLN B 27 6.77 5.81 -2.69
CA GLN B 27 8.16 6.10 -3.09
C GLN B 27 8.09 6.96 -4.35
N ALA B 28 6.89 7.16 -4.87
CA ALA B 28 6.75 7.96 -6.10
C ALA B 28 5.87 9.21 -5.89
N VAL B 29 5.02 9.27 -4.89
CA VAL B 29 4.20 10.51 -4.76
C VAL B 29 4.70 11.38 -3.63
N ASP B 30 5.85 11.08 -3.10
CA ASP B 30 6.39 11.94 -2.02
C ASP B 30 5.30 12.23 -1.02
N SER B 31 5.17 11.46 0.00
CA SER B 31 4.06 11.74 0.91
C SER B 31 4.26 11.01 2.23
N GLN B 32 5.26 11.42 2.97
CA GLN B 32 5.56 10.76 4.27
C GLN B 32 4.28 10.62 5.10
N GLU B 33 3.28 11.39 4.82
CA GLU B 33 2.02 11.24 5.61
C GLU B 33 1.45 9.86 5.34
N VAL B 34 1.69 9.35 4.17
CA VAL B 34 1.20 8.00 3.81
C VAL B 34 2.10 6.94 4.46
N ARG B 35 3.39 7.17 4.47
CA ARG B 35 4.30 6.20 5.14
C ARG B 35 4.23 6.44 6.64
N ASP B 36 4.27 7.69 7.03
CA ASP B 36 4.16 8.00 8.48
C ASP B 36 2.86 7.37 8.94
N TYR B 37 1.96 7.26 8.02
CA TYR B 37 0.66 6.61 8.29
C TYR B 37 0.90 5.11 8.27
N CYS B 38 1.50 4.64 7.23
CA CYS B 38 1.80 3.19 7.11
C CYS B 38 2.51 2.71 8.38
N GLU B 39 3.53 3.38 8.80
CA GLU B 39 4.21 2.99 10.05
C GLU B 39 3.31 3.38 11.23
N LYS B 40 2.26 4.12 10.97
CA LYS B 40 1.33 4.47 12.06
C LYS B 40 0.36 3.33 12.13
N LYS B 41 0.10 2.80 10.96
CA LYS B 41 -0.80 1.66 10.83
C LYS B 41 -0.16 0.48 11.48
N GLY B 42 0.99 0.18 10.96
CA GLY B 42 1.79 -0.93 11.50
C GLY B 42 2.45 -1.76 10.39
N TRP B 43 3.23 -1.13 9.58
CA TRP B 43 3.99 -1.87 8.54
C TRP B 43 5.39 -1.46 8.78
N ILE B 44 5.47 -0.18 8.89
CA ILE B 44 6.71 0.52 9.18
C ILE B 44 7.53 0.76 7.93
N VAL B 45 6.92 0.54 6.82
CA VAL B 45 7.61 0.71 5.51
C VAL B 45 8.72 1.76 5.61
N ASN B 46 9.95 1.33 5.51
CA ASN B 46 11.08 2.29 5.64
C ASN B 46 12.41 1.60 5.30
N ILE B 47 13.51 2.24 5.58
CA ILE B 47 14.84 1.62 5.28
C ILE B 47 15.97 2.55 5.71
N THR B 48 16.61 2.25 6.81
CA THR B 48 17.73 3.12 7.29
C THR B 48 19.04 2.32 7.33
N SER B 49 19.01 1.18 7.94
CA SER B 49 20.24 0.34 8.04
C SER B 49 20.49 -0.37 6.71
N GLN B 50 21.71 -0.72 6.43
CA GLN B 50 22.01 -1.42 5.15
C GLN B 50 21.69 -0.51 3.96
N VAL B 51 22.62 0.32 3.57
CA VAL B 51 22.36 1.23 2.41
C VAL B 51 23.50 1.13 1.39
N GLN B 52 23.25 1.55 0.18
CA GLN B 52 24.31 1.48 -0.87
C GLN B 52 24.23 2.71 -1.76
N THR B 53 23.08 2.99 -2.31
CA THR B 53 22.94 4.19 -3.19
C THR B 53 24.06 4.23 -4.23
N GLU B 54 24.26 3.16 -4.94
CA GLU B 54 25.34 3.14 -5.98
C GLU B 54 26.69 3.48 -5.35
N ARG B 55 26.87 3.17 -4.10
CA ARG B 55 28.17 3.46 -3.44
C ARG B 55 28.40 2.50 -2.27
N ASN B 56 29.61 2.01 -2.12
CA ASN B 56 29.88 1.06 -1.00
C ASN B 56 30.26 1.84 0.26
N ILE B 57 29.72 1.44 1.38
CA ILE B 57 30.04 2.16 2.66
C ILE B 57 30.96 1.31 3.53
N ASN B 58 30.42 0.26 4.11
CA ASN B 58 31.26 -0.61 4.98
C ASN B 58 31.77 -1.82 4.18
N ARG B 59 32.70 -2.55 4.73
CA ARG B 59 33.24 -3.74 4.01
C ARG B 59 32.65 -5.03 4.59
N ALA B 60 31.47 -4.95 5.14
CA ALA B 60 30.84 -6.18 5.72
C ALA B 60 29.41 -6.34 5.20
N MET A 1 -23.39 -22.78 -14.55
CA MET A 1 -22.91 -23.25 -15.88
C MET A 1 -21.42 -22.94 -16.05
N GLY A 2 -20.66 -23.10 -15.01
CA GLY A 2 -19.20 -22.81 -15.12
C GLY A 2 -18.61 -23.55 -16.32
N PRO A 3 -18.06 -22.80 -17.23
CA PRO A 3 -17.46 -23.39 -18.45
C PRO A 3 -16.10 -24.01 -18.11
N LEU A 4 -15.31 -23.31 -17.34
CA LEU A 4 -13.97 -23.83 -16.97
C LEU A 4 -13.60 -23.35 -15.56
N GLN A 5 -12.39 -23.61 -15.13
CA GLN A 5 -11.98 -23.13 -13.78
C GLN A 5 -12.38 -21.67 -13.62
N TYR A 6 -12.52 -20.96 -14.71
CA TYR A 6 -12.92 -19.53 -14.64
C TYR A 6 -12.03 -18.76 -13.67
N LYS A 7 -12.23 -17.48 -13.56
CA LYS A 7 -11.41 -16.66 -12.63
C LYS A 7 -9.95 -16.61 -13.12
N ASP A 8 -9.21 -15.61 -12.71
CA ASP A 8 -7.80 -15.51 -13.15
C ASP A 8 -6.88 -16.10 -12.08
N LEU A 9 -5.65 -16.41 -12.43
CA LEU A 9 -4.71 -17.00 -11.43
C LEU A 9 -3.90 -15.87 -10.76
N LYS A 10 -2.94 -16.23 -9.96
CA LYS A 10 -2.11 -15.19 -9.27
C LYS A 10 -0.91 -14.84 -10.14
N ILE A 11 -0.91 -15.25 -11.38
CA ILE A 11 0.23 -14.93 -12.28
C ILE A 11 -0.21 -13.95 -13.35
N ASP A 12 -1.46 -13.58 -13.33
CA ASP A 12 -1.97 -12.65 -14.36
C ASP A 12 -1.46 -11.22 -14.09
N ILE A 13 -1.61 -10.75 -12.88
CA ILE A 13 -1.14 -9.37 -12.57
C ILE A 13 -1.71 -8.39 -13.60
N LYS A 14 -2.98 -8.09 -13.51
CA LYS A 14 -3.59 -7.15 -14.47
C LYS A 14 -4.39 -6.07 -13.73
N THR A 15 -3.77 -4.95 -13.46
CA THR A 15 -4.47 -3.84 -12.74
C THR A 15 -5.22 -4.37 -11.52
N SER A 16 -4.71 -4.14 -10.33
CA SER A 16 -5.42 -4.65 -9.10
C SER A 16 -6.85 -4.00 -9.01
N PRO A 17 -7.27 -3.27 -7.97
CA PRO A 17 -6.56 -2.89 -6.73
C PRO A 17 -7.17 -3.61 -5.53
N PRO A 18 -7.58 -4.84 -5.71
CA PRO A 18 -8.25 -5.55 -4.61
C PRO A 18 -7.35 -5.63 -3.35
N PRO A 19 -6.06 -5.79 -3.51
CA PRO A 19 -5.18 -5.77 -2.31
C PRO A 19 -5.13 -4.32 -1.82
N GLU A 20 -6.22 -3.85 -1.26
CA GLU A 20 -6.35 -2.43 -0.80
C GLU A 20 -5.23 -1.98 0.16
N CYS A 21 -3.99 -2.08 -0.22
CA CYS A 21 -2.93 -1.56 0.72
C CYS A 21 -2.81 -0.04 0.55
N ILE A 22 -3.08 0.46 -0.64
CA ILE A 22 -2.99 1.94 -0.85
C ILE A 22 -4.25 2.60 -0.32
N ASN A 23 -5.38 2.21 -0.80
CA ASN A 23 -6.62 2.85 -0.30
C ASN A 23 -6.73 2.59 1.21
N ASP A 24 -6.62 1.38 1.65
CA ASP A 24 -6.69 1.14 3.12
C ASP A 24 -5.66 2.03 3.77
N LEU A 25 -4.70 2.45 3.00
CA LEU A 25 -3.66 3.33 3.53
C LEU A 25 -4.08 4.77 3.38
N LEU A 26 -4.19 5.15 2.15
CA LEU A 26 -4.48 6.52 1.81
C LEU A 26 -5.89 6.91 2.22
N GLN A 27 -6.71 5.97 2.58
CA GLN A 27 -8.06 6.32 3.00
C GLN A 27 -7.93 7.07 4.33
N ALA A 28 -6.74 7.12 4.87
CA ALA A 28 -6.54 7.81 6.15
C ALA A 28 -5.62 9.03 6.02
N VAL A 29 -4.78 9.13 5.00
CA VAL A 29 -3.90 10.33 4.95
C VAL A 29 -4.37 11.28 3.86
N ASP A 30 -5.54 11.08 3.35
CA ASP A 30 -6.05 12.02 2.31
C ASP A 30 -4.96 12.32 1.32
N SER A 31 -4.88 11.61 0.25
CA SER A 31 -3.77 11.90 -0.65
C SER A 31 -4.00 11.24 -2.02
N GLN A 32 -4.99 11.71 -2.74
CA GLN A 32 -5.28 11.11 -4.06
C GLN A 32 -3.99 10.95 -4.86
N GLU A 33 -2.98 11.69 -4.54
CA GLU A 33 -1.71 11.52 -5.29
C GLU A 33 -1.21 10.09 -5.11
N VAL A 34 -1.49 9.51 -3.97
CA VAL A 34 -1.06 8.12 -3.73
C VAL A 34 -2.04 7.16 -4.43
N ARG A 35 -3.30 7.48 -4.46
CA ARG A 35 -4.27 6.63 -5.18
C ARG A 35 -4.18 6.96 -6.66
N ASP A 36 -4.17 8.22 -6.98
CA ASP A 36 -4.03 8.63 -8.40
C ASP A 36 -2.77 7.97 -8.91
N TYR A 37 -1.88 7.74 -7.99
CA TYR A 37 -0.62 7.06 -8.30
C TYR A 37 -0.95 5.57 -8.39
N CYS A 38 -1.57 5.06 -7.38
CA CYS A 38 -1.94 3.63 -7.36
C CYS A 38 -2.67 3.28 -8.66
N GLU A 39 -3.65 4.05 -9.03
CA GLU A 39 -4.35 3.77 -10.30
C GLU A 39 -3.44 4.18 -11.45
N LYS A 40 -2.36 4.86 -11.15
CA LYS A 40 -1.40 5.23 -12.21
C LYS A 40 -0.49 4.04 -12.35
N LYS A 41 -0.28 3.41 -11.24
CA LYS A 41 0.57 2.22 -11.18
C LYS A 41 -0.15 1.11 -11.89
N GLY A 42 -1.32 0.85 -11.39
CA GLY A 42 -2.17 -0.19 -11.99
C GLY A 42 -2.87 -1.04 -10.94
N TRP A 43 -3.62 -0.41 -10.08
CA TRP A 43 -4.42 -1.16 -9.09
C TRP A 43 -5.79 -0.65 -9.28
N ILE A 44 -5.79 0.64 -9.31
CA ILE A 44 -7.00 1.42 -9.53
C ILE A 44 -7.79 1.57 -8.25
N VAL A 45 -7.17 1.25 -7.18
CA VAL A 45 -7.82 1.32 -5.85
C VAL A 45 -8.99 2.32 -5.84
N ASN A 46 -10.18 1.83 -6.06
CA ASN A 46 -11.37 2.72 -6.09
C ASN A 46 -12.62 1.90 -6.44
N ILE A 47 -12.84 0.80 -5.77
CA ILE A 47 -14.03 -0.04 -6.07
C ILE A 47 -14.19 -0.22 -7.59
N THR A 48 -15.30 -0.76 -8.01
CA THR A 48 -15.50 -0.97 -9.48
C THR A 48 -17.00 -0.95 -9.82
N SER A 49 -17.51 0.18 -10.21
CA SER A 49 -18.96 0.26 -10.57
C SER A 49 -19.30 1.65 -11.10
N GLN A 50 -18.91 2.69 -10.40
CA GLN A 50 -19.21 4.06 -10.88
C GLN A 50 -18.15 4.52 -11.89
N VAL A 51 -17.92 3.74 -12.91
CA VAL A 51 -16.90 4.13 -13.93
C VAL A 51 -17.45 3.90 -15.34
N GLN A 52 -16.83 4.50 -16.32
CA GLN A 52 -17.32 4.32 -17.72
C GLN A 52 -16.16 4.49 -18.71
N THR A 53 -15.71 3.42 -19.31
CA THR A 53 -14.59 3.52 -20.28
C THR A 53 -14.62 2.32 -21.24
N GLU A 54 -14.11 2.49 -22.43
CA GLU A 54 -14.11 1.37 -23.41
C GLU A 54 -12.85 1.40 -24.26
N ARG A 55 -12.71 2.39 -25.10
CA ARG A 55 -11.49 2.48 -25.96
C ARG A 55 -11.49 3.78 -26.76
N ASN A 56 -10.57 4.66 -26.47
CA ASN A 56 -10.51 5.95 -27.22
C ASN A 56 -11.85 6.70 -27.11
N ILE A 57 -12.04 7.70 -27.92
CA ILE A 57 -13.32 8.47 -27.87
C ILE A 57 -13.76 8.84 -29.29
N ASN A 58 -14.37 7.91 -29.98
CA ASN A 58 -14.83 8.20 -31.37
C ASN A 58 -16.12 9.01 -31.35
N ARG A 59 -16.94 8.89 -32.36
CA ARG A 59 -18.21 9.65 -32.40
C ARG A 59 -19.38 8.73 -32.73
N ALA A 60 -19.74 7.87 -31.81
CA ALA A 60 -20.87 6.93 -32.08
C ALA A 60 -21.62 6.62 -30.78
N MET B 1 1.58 -12.90 45.14
CA MET B 1 0.17 -12.42 45.19
C MET B 1 -0.31 -12.02 43.79
N GLY B 2 -1.58 -12.11 43.54
CA GLY B 2 -2.11 -11.72 42.20
C GLY B 2 -2.64 -12.96 41.48
N PRO B 3 -3.15 -12.75 40.30
CA PRO B 3 -3.71 -13.86 39.49
C PRO B 3 -2.58 -14.67 38.86
N LEU B 4 -1.63 -13.98 38.28
CA LEU B 4 -0.49 -14.67 37.61
C LEU B 4 0.75 -13.78 37.68
N GLN B 5 0.96 -13.14 38.80
CA GLN B 5 2.14 -12.23 38.92
C GLN B 5 1.91 -11.01 38.02
N TYR B 6 0.73 -10.89 37.46
CA TYR B 6 0.40 -9.75 36.58
C TYR B 6 1.56 -9.46 35.62
N LYS B 7 1.49 -8.37 34.89
CA LYS B 7 2.58 -8.04 33.93
C LYS B 7 2.70 -9.15 32.88
N ASP B 8 2.00 -9.02 31.79
CA ASP B 8 2.09 -10.05 30.72
C ASP B 8 3.01 -9.59 29.60
N LEU B 9 2.96 -10.23 28.46
CA LEU B 9 3.84 -9.82 27.33
C LEU B 9 3.58 -8.36 26.97
N LYS B 10 4.25 -7.87 25.96
CA LYS B 10 4.04 -6.44 25.56
C LYS B 10 4.65 -6.19 24.17
N ILE B 11 3.99 -6.64 23.14
CA ILE B 11 4.51 -6.42 21.76
C ILE B 11 3.42 -6.69 20.73
N ASP B 12 3.37 -7.89 20.22
CA ASP B 12 2.35 -8.25 19.21
C ASP B 12 2.13 -7.09 18.23
N ILE B 13 0.91 -6.68 18.03
CA ILE B 13 0.65 -5.57 17.07
C ILE B 13 1.31 -5.87 15.72
N LYS B 14 0.62 -6.57 14.87
CA LYS B 14 1.20 -6.93 13.54
C LYS B 14 1.93 -5.72 12.93
N THR B 15 3.19 -5.88 12.61
CA THR B 15 3.96 -4.76 12.00
C THR B 15 4.71 -5.25 10.74
N SER B 16 4.22 -4.92 9.57
CA SER B 16 4.91 -5.38 8.33
C SER B 16 6.36 -4.80 8.29
N PRO B 17 6.83 -4.03 7.29
CA PRO B 17 6.16 -3.54 6.07
C PRO B 17 6.73 -4.23 4.83
N PRO B 18 7.06 -5.48 4.94
CA PRO B 18 7.71 -6.16 3.80
C PRO B 18 6.82 -6.11 2.53
N PRO B 19 5.51 -6.18 2.67
CA PRO B 19 4.65 -6.03 1.48
C PRO B 19 4.68 -4.55 1.09
N GLU B 20 5.79 -4.12 0.54
CA GLU B 20 5.98 -2.67 0.18
C GLU B 20 4.89 -2.12 -0.75
N CYS B 21 3.64 -2.17 -0.36
CA CYS B 21 2.61 -1.56 -1.25
C CYS B 21 2.56 -0.05 -0.98
N ILE B 22 2.84 0.36 0.22
CA ILE B 22 2.84 1.83 0.53
C ILE B 22 4.12 2.47 0.05
N ASN B 23 5.23 1.98 0.50
CA ASN B 23 6.50 2.60 0.04
C ASN B 23 6.62 2.45 -1.48
N ASP B 24 6.45 1.26 -2.00
CA ASP B 24 6.51 1.13 -3.47
C ASP B 24 5.52 2.12 -4.06
N LEU B 25 4.58 2.51 -3.26
CA LEU B 25 3.58 3.48 -3.73
C LEU B 25 4.07 4.88 -3.48
N LEU B 26 4.17 5.17 -2.23
CA LEU B 26 4.52 6.51 -1.80
C LEU B 26 5.96 6.85 -2.17
N GLN B 27 6.73 5.89 -2.57
CA GLN B 27 8.11 6.22 -2.98
C GLN B 27 8.02 7.03 -4.27
N ALA B 28 6.82 7.15 -4.81
CA ALA B 28 6.66 7.90 -6.06
C ALA B 28 5.82 9.18 -5.86
N VAL B 29 4.98 9.28 -4.84
CA VAL B 29 4.19 10.54 -4.73
C VAL B 29 4.69 11.40 -3.57
N ASP B 30 5.84 11.08 -3.04
CA ASP B 30 6.37 11.94 -1.95
C ASP B 30 5.28 12.21 -0.95
N SER B 31 5.18 11.45 0.08
CA SER B 31 4.07 11.73 1.00
C SER B 31 4.26 10.98 2.31
N GLN B 32 5.27 11.32 3.06
CA GLN B 32 5.52 10.62 4.33
C GLN B 32 4.22 10.49 5.12
N GLU B 33 3.26 11.31 4.87
CA GLU B 33 1.98 11.16 5.61
C GLU B 33 1.42 9.76 5.34
N VAL B 34 1.71 9.25 4.17
CA VAL B 34 1.24 7.90 3.81
C VAL B 34 2.15 6.85 4.46
N ARG B 35 3.43 7.10 4.49
CA ARG B 35 4.37 6.15 5.15
C ARG B 35 4.28 6.38 6.66
N ASP B 36 4.34 7.63 7.05
CA ASP B 36 4.20 7.95 8.49
C ASP B 36 2.91 7.31 8.96
N TYR B 37 2.00 7.19 8.03
CA TYR B 37 0.72 6.54 8.29
C TYR B 37 0.96 5.04 8.29
N CYS B 38 1.58 4.58 7.26
CA CYS B 38 1.89 3.14 7.13
C CYS B 38 2.59 2.67 8.41
N GLU B 39 3.61 3.36 8.82
CA GLU B 39 4.30 2.96 10.08
C GLU B 39 3.40 3.34 11.25
N LYS B 40 2.36 4.10 10.99
CA LYS B 40 1.43 4.44 12.09
C LYS B 40 0.45 3.30 12.15
N LYS B 41 0.21 2.75 11.00
CA LYS B 41 -0.70 1.61 10.87
C LYS B 41 -0.05 0.42 11.50
N GLY B 42 1.11 0.13 10.99
CA GLY B 42 1.91 -0.99 11.50
C GLY B 42 2.57 -1.79 10.39
N TRP B 43 3.34 -1.14 9.58
CA TRP B 43 4.12 -1.86 8.53
C TRP B 43 5.51 -1.43 8.76
N ILE B 44 5.58 -0.15 8.87
CA ILE B 44 6.83 0.55 9.16
C ILE B 44 7.64 0.78 7.90
N VAL B 45 7.02 0.55 6.80
CA VAL B 45 7.68 0.69 5.48
C VAL B 45 8.86 1.68 5.54
N ASN B 46 10.05 1.17 5.69
CA ASN B 46 11.25 2.05 5.78
C ASN B 46 12.52 1.19 5.80
N ILE B 47 13.64 1.71 5.39
CA ILE B 47 14.89 0.89 5.40
C ILE B 47 16.13 1.78 5.48
N THR B 48 16.02 2.94 6.07
CA THR B 48 17.20 3.84 6.17
C THR B 48 18.07 3.43 7.35
N SER B 49 19.37 3.55 7.23
CA SER B 49 20.27 3.17 8.35
C SER B 49 19.93 3.97 9.61
N GLN B 50 20.38 3.53 10.76
CA GLN B 50 20.06 4.26 12.01
C GLN B 50 20.22 5.77 11.79
N VAL B 51 19.38 6.56 12.40
CA VAL B 51 19.48 8.04 12.22
C VAL B 51 19.41 8.75 13.56
N GLN B 52 19.82 9.99 13.61
CA GLN B 52 19.77 10.75 14.89
C GLN B 52 18.35 11.27 15.15
N THR B 53 17.40 10.87 14.35
CA THR B 53 16.01 11.35 14.54
C THR B 53 15.59 11.19 16.00
N GLU B 54 14.83 12.11 16.51
CA GLU B 54 14.38 12.03 17.93
C GLU B 54 15.59 12.03 18.87
N ARG B 55 15.40 12.46 20.09
CA ARG B 55 16.53 12.50 21.06
C ARG B 55 16.60 11.18 21.84
N ASN B 56 15.54 10.85 22.54
CA ASN B 56 15.52 9.58 23.33
C ASN B 56 16.90 9.25 23.89
N ILE B 57 17.20 7.99 24.09
CA ILE B 57 18.53 7.61 24.63
C ILE B 57 19.48 7.22 23.50
N ASN B 58 20.76 7.36 23.70
CA ASN B 58 21.73 6.99 22.63
C ASN B 58 22.52 5.74 23.03
N ARG B 59 22.06 4.58 22.62
CA ARG B 59 22.79 3.33 22.98
C ARG B 59 22.92 3.22 24.50
N ALA B 60 23.95 3.79 25.07
CA ALA B 60 24.13 3.71 26.55
C ALA B 60 23.01 4.47 27.27
N MET A 1 -33.08 -2.84 -9.38
CA MET A 1 -32.12 -2.35 -8.34
C MET A 1 -30.76 -2.05 -8.97
N GLY A 2 -30.06 -3.06 -9.42
CA GLY A 2 -28.73 -2.83 -10.04
C GLY A 2 -28.81 -1.63 -10.98
N PRO A 3 -27.65 -1.09 -11.28
CA PRO A 3 -27.58 0.08 -12.19
C PRO A 3 -27.79 -0.37 -13.64
N LEU A 4 -27.11 -1.41 -14.03
CA LEU A 4 -27.24 -1.91 -15.43
C LEU A 4 -27.15 -3.43 -15.45
N GLN A 5 -27.64 -4.10 -14.44
CA GLN A 5 -27.55 -5.57 -14.42
C GLN A 5 -26.13 -5.98 -14.84
N TYR A 6 -25.16 -5.20 -14.45
CA TYR A 6 -23.75 -5.51 -14.82
C TYR A 6 -23.48 -7.01 -14.77
N LYS A 7 -22.46 -7.47 -15.44
CA LYS A 7 -22.15 -8.93 -15.42
C LYS A 7 -20.63 -9.15 -15.39
N ASP A 8 -19.90 -8.23 -14.81
CA ASP A 8 -18.43 -8.40 -14.75
C ASP A 8 -17.85 -7.57 -13.61
N LEU A 9 -17.23 -8.21 -12.65
CA LEU A 9 -16.65 -7.45 -11.50
C LEU A 9 -15.28 -8.02 -11.13
N LYS A 10 -14.36 -7.18 -10.75
CA LYS A 10 -13.00 -7.67 -10.37
C LYS A 10 -12.49 -8.68 -11.40
N ILE A 11 -11.81 -8.20 -12.41
CA ILE A 11 -11.27 -9.13 -13.45
C ILE A 11 -10.01 -8.54 -14.08
N ASP A 12 -9.99 -8.34 -15.37
CA ASP A 12 -8.79 -7.79 -16.03
C ASP A 12 -7.53 -8.48 -15.52
N ILE A 13 -6.38 -7.92 -15.80
CA ILE A 13 -5.11 -8.55 -15.33
C ILE A 13 -4.14 -7.47 -14.84
N LYS A 14 -3.15 -7.84 -14.08
CA LYS A 14 -2.16 -6.83 -13.57
C LYS A 14 -2.89 -5.74 -12.77
N THR A 15 -3.51 -4.82 -13.44
CA THR A 15 -4.23 -3.72 -12.73
C THR A 15 -4.99 -4.28 -11.51
N SER A 16 -4.50 -4.06 -10.32
CA SER A 16 -5.21 -4.58 -9.10
C SER A 16 -6.64 -3.96 -9.03
N PRO A 17 -7.09 -3.23 -8.00
CA PRO A 17 -6.40 -2.85 -6.74
C PRO A 17 -7.03 -3.58 -5.56
N PRO A 18 -7.40 -4.81 -5.74
CA PRO A 18 -8.07 -5.53 -4.66
C PRO A 18 -7.21 -5.59 -3.37
N PRO A 19 -5.90 -5.69 -3.50
CA PRO A 19 -5.07 -5.66 -2.27
C PRO A 19 -5.08 -4.21 -1.78
N GLU A 20 -6.16 -3.81 -1.15
CA GLU A 20 -6.32 -2.39 -0.68
C GLU A 20 -5.21 -1.93 0.25
N CYS A 21 -3.97 -2.04 -0.14
CA CYS A 21 -2.89 -1.52 0.76
C CYS A 21 -2.77 -0.01 0.58
N ILE A 22 -3.04 0.49 -0.61
CA ILE A 22 -2.97 1.96 -0.85
C ILE A 22 -4.24 2.63 -0.35
N ASN A 23 -5.36 2.20 -0.84
CA ASN A 23 -6.62 2.85 -0.39
C ASN A 23 -6.80 2.66 1.11
N ASP A 24 -6.67 1.45 1.61
CA ASP A 24 -6.80 1.24 3.07
C ASP A 24 -5.75 2.11 3.73
N LEU A 25 -4.75 2.47 2.97
CA LEU A 25 -3.70 3.33 3.52
C LEU A 25 -4.11 4.77 3.38
N LEU A 26 -4.26 5.14 2.16
CA LEU A 26 -4.59 6.52 1.84
C LEU A 26 -6.01 6.84 2.24
N GLN A 27 -6.73 5.86 2.72
CA GLN A 27 -8.10 6.11 3.18
C GLN A 27 -8.00 6.95 4.46
N ALA A 28 -6.79 7.14 4.94
CA ALA A 28 -6.61 7.90 6.19
C ALA A 28 -5.68 9.10 6.03
N VAL A 29 -4.80 9.16 5.04
CA VAL A 29 -3.93 10.36 4.97
C VAL A 29 -4.39 11.33 3.90
N ASP A 30 -5.56 11.11 3.36
CA ASP A 30 -6.05 12.07 2.34
C ASP A 30 -4.95 12.37 1.35
N SER A 31 -4.87 11.66 0.29
CA SER A 31 -3.74 11.94 -0.60
C SER A 31 -3.97 11.31 -1.97
N GLN A 32 -4.95 11.80 -2.69
CA GLN A 32 -5.25 11.23 -4.02
C GLN A 32 -3.97 11.09 -4.85
N GLU A 33 -2.94 11.81 -4.52
CA GLU A 33 -1.68 11.66 -5.30
C GLU A 33 -1.18 10.24 -5.11
N VAL A 34 -1.51 9.64 -4.00
CA VAL A 34 -1.08 8.25 -3.73
C VAL A 34 -2.03 7.30 -4.46
N ARG A 35 -3.30 7.58 -4.44
CA ARG A 35 -4.25 6.71 -5.17
C ARG A 35 -4.16 7.05 -6.65
N ASP A 36 -4.12 8.33 -6.96
CA ASP A 36 -3.98 8.74 -8.38
C ASP A 36 -2.70 8.07 -8.87
N TYR A 37 -1.82 7.84 -7.96
CA TYR A 37 -0.56 7.17 -8.25
C TYR A 37 -0.86 5.68 -8.35
N CYS A 38 -1.50 5.16 -7.34
CA CYS A 38 -1.86 3.72 -7.32
C CYS A 38 -2.58 3.37 -8.62
N GLU A 39 -3.56 4.13 -9.00
CA GLU A 39 -4.24 3.84 -10.28
C GLU A 39 -3.33 4.26 -11.42
N LYS A 40 -2.26 4.95 -11.11
CA LYS A 40 -1.30 5.33 -12.16
C LYS A 40 -0.37 4.16 -12.30
N LYS A 41 -0.16 3.52 -11.19
CA LYS A 41 0.70 2.34 -11.13
C LYS A 41 0.01 1.22 -11.85
N GLY A 42 -1.17 0.95 -11.37
CA GLY A 42 -2.00 -0.09 -11.97
C GLY A 42 -2.70 -0.96 -10.92
N TRP A 43 -3.48 -0.34 -10.07
CA TRP A 43 -4.29 -1.10 -9.09
C TRP A 43 -5.65 -0.60 -9.29
N ILE A 44 -5.67 0.69 -9.30
CA ILE A 44 -6.88 1.48 -9.53
C ILE A 44 -7.67 1.65 -8.25
N VAL A 45 -7.03 1.37 -7.17
CA VAL A 45 -7.69 1.48 -5.84
C VAL A 45 -8.75 2.58 -5.84
N ASN A 46 -9.99 2.21 -5.99
CA ASN A 46 -11.08 3.23 -6.01
C ASN A 46 -12.44 2.54 -6.08
N ILE A 47 -12.71 1.84 -7.15
CA ILE A 47 -14.02 1.13 -7.27
C ILE A 47 -13.83 -0.16 -8.06
N THR A 48 -14.51 -1.21 -7.67
CA THR A 48 -14.37 -2.50 -8.40
C THR A 48 -15.41 -2.60 -9.51
N SER A 49 -15.13 -2.06 -10.66
CA SER A 49 -16.11 -2.13 -11.78
C SER A 49 -15.38 -2.42 -13.10
N GLN A 50 -16.11 -2.59 -14.16
CA GLN A 50 -15.46 -2.88 -15.48
C GLN A 50 -14.53 -1.74 -15.88
N VAL A 51 -13.27 -1.86 -15.56
CA VAL A 51 -12.30 -0.78 -15.94
C VAL A 51 -11.12 -1.38 -16.72
N GLN A 52 -11.37 -1.85 -17.91
CA GLN A 52 -10.28 -2.46 -18.72
C GLN A 52 -9.32 -1.38 -19.23
N THR A 53 -8.04 -1.61 -19.11
CA THR A 53 -7.06 -0.59 -19.58
C THR A 53 -5.90 -1.30 -20.31
N GLU A 54 -5.24 -0.61 -21.20
CA GLU A 54 -4.10 -1.25 -21.93
C GLU A 54 -2.78 -0.95 -21.24
N ARG A 55 -2.73 -1.12 -19.94
CA ARG A 55 -1.46 -0.85 -19.21
C ARG A 55 -0.80 0.43 -19.72
N ASN A 56 0.44 0.64 -19.39
CA ASN A 56 1.13 1.88 -19.86
C ASN A 56 2.52 1.54 -20.42
N ILE A 57 2.58 1.09 -21.64
CA ILE A 57 3.90 0.74 -22.24
C ILE A 57 4.67 -0.19 -21.30
N ASN A 58 4.09 -1.30 -20.94
CA ASN A 58 4.79 -2.24 -20.02
C ASN A 58 5.07 -3.57 -20.74
N ARG A 59 5.05 -3.55 -22.04
CA ARG A 59 5.32 -4.80 -22.81
C ARG A 59 6.80 -4.89 -23.17
N ALA A 60 7.33 -3.88 -23.79
CA ALA A 60 8.77 -3.90 -24.17
C ALA A 60 9.65 -3.82 -22.92
N MET B 1 29.10 -16.21 19.78
CA MET B 1 28.45 -14.95 20.26
C MET B 1 28.05 -14.07 19.07
N GLY B 2 27.21 -14.57 18.21
CA GLY B 2 26.78 -13.75 17.04
C GLY B 2 27.68 -14.08 15.84
N PRO B 3 27.16 -14.87 14.95
CA PRO B 3 27.91 -15.27 13.73
C PRO B 3 27.97 -14.09 12.77
N LEU B 4 26.89 -13.37 12.68
CA LEU B 4 26.84 -12.20 11.76
C LEU B 4 25.81 -11.20 12.28
N GLN B 5 25.37 -10.28 11.46
CA GLN B 5 24.34 -9.32 11.95
C GLN B 5 23.23 -10.10 12.66
N TYR B 6 23.08 -11.34 12.32
CA TYR B 6 22.03 -12.18 12.97
C TYR B 6 20.65 -11.56 12.81
N LYS B 7 19.62 -12.28 13.15
CA LYS B 7 18.24 -11.73 13.02
C LYS B 7 17.38 -12.17 14.21
N ASP B 8 16.09 -12.06 14.10
CA ASP B 8 15.20 -12.47 15.22
C ASP B 8 14.08 -13.38 14.70
N LEU B 9 13.15 -13.72 15.54
CA LEU B 9 12.03 -14.60 15.08
C LEU B 9 10.68 -13.99 15.49
N LYS B 10 9.59 -14.61 15.11
CA LYS B 10 8.26 -14.07 15.47
C LYS B 10 8.04 -12.70 14.79
N ILE B 11 8.16 -12.65 13.50
CA ILE B 11 7.96 -11.35 12.79
C ILE B 11 6.88 -11.50 11.71
N ASP B 12 7.25 -11.32 10.46
CA ASP B 12 6.27 -11.44 9.36
C ASP B 12 4.92 -10.83 9.77
N ILE B 13 4.01 -11.62 10.25
CA ILE B 13 2.67 -11.09 10.65
C ILE B 13 2.85 -9.85 11.55
N LYS B 14 1.78 -9.21 11.92
CA LYS B 14 1.88 -8.00 12.79
C LYS B 14 2.58 -6.86 12.04
N THR B 15 3.19 -5.96 12.75
CA THR B 15 3.90 -4.82 12.07
C THR B 15 4.63 -5.31 10.82
N SER B 16 4.15 -4.95 9.66
CA SER B 16 4.82 -5.41 8.40
C SER B 16 6.28 -4.84 8.37
N PRO B 17 6.76 -4.07 7.37
CA PRO B 17 6.09 -3.59 6.14
C PRO B 17 6.69 -4.27 4.92
N PRO B 18 6.99 -5.54 5.03
CA PRO B 18 7.63 -6.22 3.91
C PRO B 18 6.78 -6.16 2.63
N PRO B 19 5.47 -6.21 2.75
CA PRO B 19 4.63 -6.06 1.54
C PRO B 19 4.69 -4.59 1.12
N GLU B 20 5.79 -4.20 0.51
CA GLU B 20 5.99 -2.77 0.13
C GLU B 20 4.90 -2.20 -0.77
N CYS B 21 3.66 -2.28 -0.38
CA CYS B 21 2.61 -1.65 -1.26
C CYS B 21 2.56 -0.16 -0.98
N ILE B 22 2.84 0.26 0.23
CA ILE B 22 2.83 1.72 0.55
C ILE B 22 4.11 2.36 0.07
N ASN B 23 5.22 1.86 0.52
CA ASN B 23 6.51 2.48 0.10
C ASN B 23 6.66 2.36 -1.41
N ASP B 24 6.46 1.19 -1.96
CA ASP B 24 6.57 1.07 -3.43
C ASP B 24 5.54 2.00 -4.04
N LEU B 25 4.57 2.35 -3.26
CA LEU B 25 3.53 3.28 -3.74
C LEU B 25 4.01 4.69 -3.55
N LEU B 26 4.24 5.01 -2.32
CA LEU B 26 4.63 6.34 -1.95
C LEU B 26 6.07 6.61 -2.34
N GLN B 27 6.72 5.64 -2.89
CA GLN B 27 8.10 5.85 -3.34
C GLN B 27 8.04 6.81 -4.53
N ALA B 28 6.84 7.08 -5.01
CA ALA B 28 6.71 7.96 -6.18
C ALA B 28 5.74 9.15 -5.94
N VAL B 29 4.90 9.15 -4.92
CA VAL B 29 4.01 10.33 -4.79
C VAL B 29 4.50 11.24 -3.67
N ASP B 30 5.68 10.98 -3.16
CA ASP B 30 6.21 11.87 -2.11
C ASP B 30 5.12 12.15 -1.10
N SER B 31 5.04 11.40 -0.05
CA SER B 31 3.93 11.65 0.86
C SER B 31 4.15 10.92 2.18
N GLN B 32 5.16 11.33 2.91
CA GLN B 32 5.46 10.67 4.20
C GLN B 32 4.18 10.52 5.02
N GLU B 33 3.18 11.31 4.75
CA GLU B 33 1.93 11.15 5.52
C GLU B 33 1.36 9.76 5.25
N VAL B 34 1.62 9.23 4.09
CA VAL B 34 1.13 7.87 3.77
C VAL B 34 2.05 6.84 4.44
N ARG B 35 3.33 7.08 4.43
CA ARG B 35 4.26 6.14 5.11
C ARG B 35 4.19 6.40 6.62
N ASP B 36 4.22 7.66 6.99
CA ASP B 36 4.10 8.00 8.42
C ASP B 36 2.81 7.36 8.90
N TYR B 37 1.91 7.20 7.98
CA TYR B 37 0.62 6.56 8.25
C TYR B 37 0.88 5.06 8.25
N CYS B 38 1.48 4.58 7.21
CA CYS B 38 1.78 3.14 7.12
C CYS B 38 2.49 2.68 8.40
N GLU B 39 3.50 3.38 8.81
CA GLU B 39 4.18 3.00 10.08
C GLU B 39 3.28 3.40 11.24
N LYS B 40 2.23 4.15 10.97
CA LYS B 40 1.29 4.50 12.05
C LYS B 40 0.31 3.35 12.12
N LYS B 41 0.10 2.77 10.97
CA LYS B 41 -0.81 1.64 10.86
C LYS B 41 -0.15 0.45 11.52
N GLY B 42 1.01 0.16 11.00
CA GLY B 42 1.81 -0.94 11.54
C GLY B 42 2.48 -1.77 10.45
N TRP B 43 3.25 -1.14 9.63
CA TRP B 43 4.02 -1.88 8.59
C TRP B 43 5.41 -1.47 8.82
N ILE B 44 5.49 -0.18 8.90
CA ILE B 44 6.73 0.54 9.17
C ILE B 44 7.53 0.76 7.92
N VAL B 45 6.89 0.57 6.82
CA VAL B 45 7.55 0.74 5.49
C VAL B 45 8.66 1.81 5.55
N ASN B 46 9.90 1.40 5.59
CA ASN B 46 11.00 2.41 5.67
C ASN B 46 12.36 1.72 5.47
N ILE B 47 13.35 2.47 5.06
CA ILE B 47 14.71 1.89 4.86
C ILE B 47 15.77 2.75 5.52
N THR B 48 16.73 2.16 6.19
CA THR B 48 17.79 2.97 6.86
C THR B 48 18.69 3.64 5.82
N SER B 49 19.08 4.87 6.07
CA SER B 49 19.96 5.57 5.10
C SER B 49 20.92 6.52 5.85
N GLN B 50 21.80 7.18 5.15
CA GLN B 50 22.75 8.10 5.83
C GLN B 50 22.00 9.00 6.83
N VAL B 51 22.03 8.66 8.08
CA VAL B 51 21.32 9.49 9.10
C VAL B 51 21.93 9.26 10.49
N GLN B 52 21.68 8.12 11.08
CA GLN B 52 22.25 7.83 12.43
C GLN B 52 22.11 9.05 13.33
N THR B 53 20.90 9.45 13.64
CA THR B 53 20.70 10.63 14.52
C THR B 53 19.22 10.89 14.74
N GLU B 54 18.73 10.66 15.94
CA GLU B 54 17.28 10.90 16.20
C GLU B 54 17.08 11.25 17.68
N ARG B 55 16.92 10.27 18.52
CA ARG B 55 16.71 10.55 19.98
C ARG B 55 18.06 10.53 20.70
N ASN B 56 18.08 10.96 21.94
CA ASN B 56 19.37 10.96 22.70
C ASN B 56 19.36 9.85 23.75
N ILE B 57 18.62 10.02 24.81
CA ILE B 57 18.58 8.97 25.87
C ILE B 57 17.14 8.59 26.19
N ASN B 58 16.20 9.43 25.88
CA ASN B 58 14.78 9.12 26.17
C ASN B 58 14.57 8.98 27.69
N ARG B 59 13.79 9.84 28.27
CA ARG B 59 13.55 9.77 29.74
C ARG B 59 12.06 9.64 30.03
N ALA B 60 11.46 8.54 29.69
CA ALA B 60 10.01 8.36 29.96
C ALA B 60 9.22 9.52 29.35
N MET A 1 1.81 -25.39 10.05
CA MET A 1 2.87 -24.94 9.11
C MET A 1 2.31 -24.78 7.70
N GLY A 2 2.50 -23.64 7.09
CA GLY A 2 1.97 -23.43 5.71
C GLY A 2 2.94 -24.03 4.69
N PRO A 3 2.39 -24.54 3.63
CA PRO A 3 3.22 -25.15 2.56
C PRO A 3 3.92 -24.05 1.76
N LEU A 4 3.26 -22.96 1.56
CA LEU A 4 3.85 -21.84 0.78
C LEU A 4 3.22 -20.52 1.20
N GLN A 5 3.56 -19.43 0.55
CA GLN A 5 2.95 -18.13 0.92
C GLN A 5 1.44 -18.32 1.06
N TYR A 6 0.90 -19.30 0.39
CA TYR A 6 -0.57 -19.56 0.48
C TYR A 6 -1.35 -18.25 0.37
N LYS A 7 -1.69 -17.84 -0.81
CA LYS A 7 -2.45 -16.57 -0.98
C LYS A 7 -3.03 -16.49 -2.41
N ASP A 8 -3.69 -17.52 -2.83
CA ASP A 8 -4.28 -17.51 -4.21
C ASP A 8 -3.15 -17.26 -5.24
N LEU A 9 -3.39 -16.42 -6.21
CA LEU A 9 -2.34 -16.15 -7.22
C LEU A 9 -1.81 -14.72 -7.08
N LYS A 10 -0.92 -14.31 -7.94
CA LYS A 10 -0.37 -12.93 -7.84
C LYS A 10 0.07 -12.42 -9.22
N ILE A 11 -0.46 -12.99 -10.27
CA ILE A 11 -0.07 -12.53 -11.63
C ILE A 11 -1.31 -12.36 -12.51
N ASP A 12 -1.38 -13.07 -13.60
CA ASP A 12 -2.54 -12.95 -14.51
C ASP A 12 -2.89 -11.48 -14.75
N ILE A 13 -3.77 -10.93 -13.95
CA ILE A 13 -4.15 -9.50 -14.15
C ILE A 13 -3.00 -8.57 -13.75
N LYS A 14 -2.91 -7.43 -14.38
CA LYS A 14 -1.83 -6.47 -14.04
C LYS A 14 -2.41 -5.28 -13.28
N THR A 15 -3.68 -5.04 -13.42
CA THR A 15 -4.32 -3.90 -12.70
C THR A 15 -5.08 -4.42 -11.47
N SER A 16 -4.58 -4.15 -10.29
CA SER A 16 -5.28 -4.64 -9.06
C SER A 16 -6.71 -4.00 -8.99
N PRO A 17 -7.15 -3.27 -7.97
CA PRO A 17 -6.47 -2.89 -6.72
C PRO A 17 -7.09 -3.61 -5.52
N PRO A 18 -7.46 -4.85 -5.71
CA PRO A 18 -8.14 -5.57 -4.62
C PRO A 18 -7.28 -5.64 -3.35
N PRO A 19 -5.97 -5.77 -3.48
CA PRO A 19 -5.12 -5.73 -2.27
C PRO A 19 -5.11 -4.29 -1.77
N GLU A 20 -6.20 -3.87 -1.18
CA GLU A 20 -6.35 -2.46 -0.70
C GLU A 20 -5.22 -2.00 0.23
N CYS A 21 -3.99 -2.08 -0.17
CA CYS A 21 -2.92 -1.56 0.74
C CYS A 21 -2.82 -0.05 0.58
N ILE A 22 -3.10 0.46 -0.61
CA ILE A 22 -3.04 1.94 -0.82
C ILE A 22 -4.31 2.59 -0.28
N ASN A 23 -5.43 2.16 -0.75
CA ASN A 23 -6.68 2.78 -0.24
C ASN A 23 -6.79 2.54 1.26
N ASP A 24 -6.67 1.31 1.71
CA ASP A 24 -6.73 1.08 3.18
C ASP A 24 -5.70 1.98 3.82
N LEU A 25 -4.73 2.38 3.04
CA LEU A 25 -3.69 3.27 3.56
C LEU A 25 -4.12 4.70 3.42
N LEU A 26 -4.27 5.09 2.21
CA LEU A 26 -4.58 6.46 1.88
C LEU A 26 -6.00 6.82 2.29
N GLN A 27 -6.78 5.88 2.69
CA GLN A 27 -8.15 6.22 3.12
C GLN A 27 -8.03 6.99 4.43
N ALA A 28 -6.82 7.08 4.95
CA ALA A 28 -6.62 7.80 6.23
C ALA A 28 -5.63 8.97 6.09
N VAL A 29 -4.78 9.03 5.08
CA VAL A 29 -3.85 10.20 5.03
C VAL A 29 -4.29 11.19 3.97
N ASP A 30 -5.47 11.04 3.44
CA ASP A 30 -5.95 12.03 2.45
C ASP A 30 -4.84 12.29 1.45
N SER A 31 -4.80 11.60 0.37
CA SER A 31 -3.67 11.86 -0.52
C SER A 31 -3.94 11.23 -1.89
N GLN A 32 -4.93 11.73 -2.59
CA GLN A 32 -5.26 11.17 -3.92
C GLN A 32 -3.99 11.03 -4.76
N GLU A 33 -2.96 11.73 -4.43
CA GLU A 33 -1.71 11.58 -5.22
C GLU A 33 -1.20 10.15 -5.04
N VAL A 34 -1.51 9.55 -3.93
CA VAL A 34 -1.07 8.14 -3.71
C VAL A 34 -2.04 7.20 -4.44
N ARG A 35 -3.31 7.50 -4.42
CA ARG A 35 -4.29 6.66 -5.16
C ARG A 35 -4.21 7.02 -6.63
N ASP A 36 -4.14 8.29 -6.92
CA ASP A 36 -4.00 8.72 -8.34
C ASP A 36 -2.73 8.06 -8.86
N TYR A 37 -1.84 7.82 -7.94
CA TYR A 37 -0.58 7.14 -8.26
C TYR A 37 -0.89 5.65 -8.36
N CYS A 38 -1.53 5.13 -7.36
CA CYS A 38 -1.89 3.70 -7.35
C CYS A 38 -2.61 3.36 -8.65
N GLU A 39 -3.60 4.12 -9.01
CA GLU A 39 -4.30 3.84 -10.29
C GLU A 39 -3.39 4.26 -11.42
N LYS A 40 -2.31 4.94 -11.11
CA LYS A 40 -1.36 5.32 -12.17
C LYS A 40 -0.43 4.14 -12.32
N LYS A 41 -0.22 3.51 -11.21
CA LYS A 41 0.64 2.31 -11.16
C LYS A 41 -0.07 1.21 -11.87
N GLY A 42 -1.24 0.93 -11.38
CA GLY A 42 -2.08 -0.11 -11.99
C GLY A 42 -2.78 -0.97 -10.94
N TRP A 43 -3.51 -0.36 -10.07
CA TRP A 43 -4.32 -1.13 -9.07
C TRP A 43 -5.69 -0.64 -9.27
N ILE A 44 -5.70 0.65 -9.30
CA ILE A 44 -6.92 1.44 -9.52
C ILE A 44 -7.70 1.61 -8.24
N VAL A 45 -7.07 1.30 -7.16
CA VAL A 45 -7.72 1.39 -5.83
C VAL A 45 -8.81 2.46 -5.82
N ASN A 46 -10.05 2.06 -5.88
CA ASN A 46 -11.16 3.05 -5.88
C ASN A 46 -12.50 2.31 -5.75
N ILE A 47 -13.25 2.61 -4.71
CA ILE A 47 -14.56 1.92 -4.52
C ILE A 47 -15.29 1.78 -5.85
N THR A 48 -15.20 0.63 -6.48
CA THR A 48 -15.90 0.42 -7.77
C THR A 48 -15.64 1.60 -8.71
N SER A 49 -14.60 1.52 -9.52
CA SER A 49 -14.31 2.63 -10.46
C SER A 49 -15.16 2.50 -11.72
N GLN A 50 -15.83 3.55 -12.12
CA GLN A 50 -16.68 3.48 -13.34
C GLN A 50 -15.90 2.86 -14.49
N VAL A 51 -16.01 1.58 -14.68
CA VAL A 51 -15.27 0.91 -15.80
C VAL A 51 -15.76 1.47 -17.14
N GLN A 52 -14.92 1.42 -18.14
CA GLN A 52 -15.32 1.94 -19.47
C GLN A 52 -16.38 1.02 -20.11
N THR A 53 -17.52 0.93 -19.49
CA THR A 53 -18.59 0.05 -20.05
C THR A 53 -19.85 0.87 -20.37
N GLU A 54 -20.02 1.98 -19.69
CA GLU A 54 -21.22 2.82 -19.95
C GLU A 54 -22.50 2.04 -19.64
N ARG A 55 -23.62 2.69 -19.63
CA ARG A 55 -24.90 1.98 -19.34
C ARG A 55 -24.94 0.64 -20.09
N ASN A 56 -25.10 0.68 -21.38
CA ASN A 56 -25.14 -0.58 -22.16
C ASN A 56 -24.34 -0.44 -23.46
N ILE A 57 -23.92 -1.53 -24.04
CA ILE A 57 -23.14 -1.45 -25.31
C ILE A 57 -23.97 -1.97 -26.48
N ASN A 58 -24.50 -1.09 -27.28
CA ASN A 58 -25.33 -1.54 -28.44
C ASN A 58 -26.55 -2.33 -27.95
N ARG A 59 -26.95 -3.33 -28.69
CA ARG A 59 -28.14 -4.13 -28.28
C ARG A 59 -27.89 -4.75 -26.90
N ALA A 60 -27.14 -5.82 -26.85
CA ALA A 60 -26.85 -6.47 -25.53
C ALA A 60 -28.16 -6.64 -24.74
N MET B 1 -7.78 -22.66 6.86
CA MET B 1 -9.07 -23.36 6.72
C MET B 1 -9.73 -23.03 5.38
N GLY B 2 -10.93 -23.49 5.16
CA GLY B 2 -11.62 -23.19 3.87
C GLY B 2 -12.28 -21.81 3.96
N PRO B 3 -13.58 -21.83 4.05
CA PRO B 3 -14.36 -20.57 4.15
C PRO B 3 -14.14 -19.96 5.54
N LEU B 4 -15.07 -19.21 6.04
CA LEU B 4 -14.89 -18.64 7.41
C LEU B 4 -13.62 -17.79 7.44
N GLN B 5 -13.02 -17.62 8.59
CA GLN B 5 -11.77 -16.83 8.65
C GLN B 5 -10.86 -17.29 7.53
N TYR B 6 -11.03 -18.52 7.11
CA TYR B 6 -10.22 -19.06 5.99
C TYR B 6 -8.76 -19.27 6.45
N LYS B 7 -7.81 -18.72 5.75
CA LYS B 7 -6.38 -18.89 6.16
C LYS B 7 -6.25 -18.73 7.68
N ASP B 8 -5.97 -19.80 8.36
CA ASP B 8 -5.82 -19.72 9.85
C ASP B 8 -4.83 -18.61 10.22
N LEU B 9 -4.91 -18.11 11.41
CA LEU B 9 -3.95 -17.03 11.83
C LEU B 9 -3.57 -17.20 13.30
N LYS B 10 -2.29 -17.26 13.58
CA LYS B 10 -1.84 -17.43 14.99
C LYS B 10 -0.35 -17.12 15.11
N ILE B 11 0.07 -16.54 16.20
CA ILE B 11 1.52 -16.21 16.37
C ILE B 11 2.08 -15.62 15.08
N ASP B 12 1.24 -15.05 14.26
CA ASP B 12 1.75 -14.50 12.99
C ASP B 12 2.49 -13.19 13.23
N ILE B 13 2.14 -12.15 12.52
CA ILE B 13 2.83 -10.84 12.71
C ILE B 13 1.81 -9.70 12.76
N LYS B 14 2.23 -8.54 13.18
CA LYS B 14 1.29 -7.38 13.24
C LYS B 14 1.93 -6.16 12.55
N THR B 15 3.21 -6.01 12.67
CA THR B 15 3.90 -4.86 12.01
C THR B 15 4.63 -5.34 10.76
N SER B 16 4.14 -4.97 9.59
CA SER B 16 4.81 -5.40 8.33
C SER B 16 6.27 -4.83 8.30
N PRO B 17 6.75 -4.06 7.31
CA PRO B 17 6.08 -3.58 6.09
C PRO B 17 6.67 -4.25 4.85
N PRO B 18 6.97 -5.51 4.96
CA PRO B 18 7.63 -6.19 3.83
C PRO B 18 6.76 -6.13 2.56
N PRO B 19 5.45 -6.18 2.68
CA PRO B 19 4.60 -6.02 1.47
C PRO B 19 4.68 -4.55 1.07
N GLU B 20 5.79 -4.16 0.49
CA GLU B 20 6.00 -2.72 0.11
C GLU B 20 4.90 -2.14 -0.78
N CYS B 21 3.66 -2.21 -0.40
CA CYS B 21 2.62 -1.59 -1.26
C CYS B 21 2.57 -0.08 -0.98
N ILE B 22 2.88 0.33 0.22
CA ILE B 22 2.88 1.79 0.55
C ILE B 22 4.17 2.42 0.05
N ASN B 23 5.29 1.92 0.48
CA ASN B 23 6.57 2.53 0.01
C ASN B 23 6.66 2.38 -1.51
N ASP B 24 6.49 1.19 -2.04
CA ASP B 24 6.54 1.06 -3.52
C ASP B 24 5.54 2.03 -4.09
N LEU B 25 4.59 2.41 -3.30
CA LEU B 25 3.57 3.35 -3.76
C LEU B 25 4.07 4.77 -3.54
N LEU B 26 4.22 5.07 -2.30
CA LEU B 26 4.59 6.40 -1.90
C LEU B 26 6.03 6.73 -2.27
N GLN B 27 6.77 5.78 -2.74
CA GLN B 27 8.14 6.08 -3.16
C GLN B 27 8.06 6.96 -4.41
N ALA B 28 6.86 7.13 -4.93
CA ALA B 28 6.70 7.94 -6.16
C ALA B 28 5.78 9.15 -5.94
N VAL B 29 4.93 9.19 -4.94
CA VAL B 29 4.07 10.40 -4.82
C VAL B 29 4.55 11.29 -3.70
N ASP B 30 5.71 11.05 -3.18
CA ASP B 30 6.23 11.94 -2.13
C ASP B 30 5.15 12.21 -1.11
N SER B 31 5.07 11.44 -0.07
CA SER B 31 3.96 11.69 0.84
C SER B 31 4.19 10.96 2.17
N GLN B 32 5.20 11.36 2.88
CA GLN B 32 5.51 10.69 4.18
C GLN B 32 4.23 10.57 5.02
N GLU B 33 3.24 11.36 4.75
CA GLU B 33 1.99 11.21 5.54
C GLU B 33 1.43 9.82 5.28
N VAL B 34 1.71 9.29 4.12
CA VAL B 34 1.22 7.94 3.78
C VAL B 34 2.13 6.90 4.45
N ARG B 35 3.43 7.12 4.44
CA ARG B 35 4.33 6.16 5.12
C ARG B 35 4.26 6.43 6.62
N ASP B 36 4.29 7.69 7.00
CA ASP B 36 4.17 8.04 8.43
C ASP B 36 2.87 7.40 8.90
N TYR B 37 1.97 7.25 7.98
CA TYR B 37 0.68 6.61 8.25
C TYR B 37 0.92 5.11 8.25
N CYS B 38 1.52 4.62 7.21
CA CYS B 38 1.83 3.17 7.10
C CYS B 38 2.54 2.71 8.38
N GLU B 39 3.55 3.40 8.80
CA GLU B 39 4.25 3.02 10.05
C GLU B 39 3.35 3.42 11.22
N LYS B 40 2.31 4.16 10.95
CA LYS B 40 1.38 4.52 12.05
C LYS B 40 0.40 3.38 12.12
N LYS B 41 0.16 2.82 10.97
CA LYS B 41 -0.75 1.68 10.85
C LYS B 41 -0.09 0.50 11.51
N GLY B 42 1.06 0.20 10.99
CA GLY B 42 1.85 -0.91 11.52
C GLY B 42 2.51 -1.75 10.42
N TRP B 43 3.27 -1.12 9.59
CA TRP B 43 4.03 -1.87 8.55
C TRP B 43 5.43 -1.45 8.77
N ILE B 44 5.50 -0.17 8.86
CA ILE B 44 6.75 0.54 9.14
C ILE B 44 7.56 0.75 7.87
N VAL B 45 6.93 0.54 6.78
CA VAL B 45 7.59 0.69 5.45
C VAL B 45 8.74 1.71 5.50
N ASN B 46 9.95 1.25 5.47
CA ASN B 46 11.11 2.19 5.52
C ASN B 46 12.43 1.45 5.27
N ILE B 47 12.98 1.55 4.09
CA ILE B 47 14.26 0.85 3.80
C ILE B 47 15.36 1.88 3.48
N THR B 48 16.48 1.79 4.16
CA THR B 48 17.58 2.76 3.89
C THR B 48 18.94 2.09 4.08
N SER B 49 19.96 2.58 3.43
CA SER B 49 21.32 1.96 3.57
C SER B 49 22.02 2.54 4.81
N GLN B 50 23.27 2.20 4.99
CA GLN B 50 24.01 2.72 6.18
C GLN B 50 24.28 4.22 6.01
N VAL B 51 23.24 5.01 5.86
CA VAL B 51 23.43 6.48 5.70
C VAL B 51 23.26 7.18 7.04
N GLN B 52 23.92 6.71 8.06
CA GLN B 52 23.80 7.35 9.40
C GLN B 52 22.39 7.16 9.96
N THR B 53 22.22 6.24 10.87
CA THR B 53 20.87 6.00 11.46
C THR B 53 20.98 6.00 12.99
N GLU B 54 21.75 5.10 13.53
CA GLU B 54 21.91 5.05 15.02
C GLU B 54 20.55 4.91 15.70
N ARG B 55 20.53 4.96 17.02
CA ARG B 55 19.24 4.84 17.74
C ARG B 55 18.66 3.42 17.59
N ASN B 56 18.73 2.63 18.62
CA ASN B 56 18.19 1.25 18.54
C ASN B 56 18.06 0.64 19.93
N ILE B 57 17.94 1.46 20.94
CA ILE B 57 17.80 0.93 22.32
C ILE B 57 16.42 1.26 22.88
N ASN B 58 15.38 0.74 22.28
CA ASN B 58 14.00 1.02 22.77
C ASN B 58 13.85 0.59 24.23
N ARG B 59 12.84 1.08 24.89
CA ARG B 59 12.63 0.70 26.32
C ARG B 59 11.83 -0.60 26.40
N ALA B 60 12.49 -1.71 26.60
CA ALA B 60 11.77 -3.00 26.68
C ALA B 60 10.71 -2.95 27.78
N MET A 1 17.07 -26.36 -13.79
CA MET A 1 16.70 -24.96 -14.12
C MET A 1 15.25 -24.91 -14.64
N GLY A 2 14.35 -25.55 -13.95
CA GLY A 2 12.93 -25.55 -14.40
C GLY A 2 12.42 -26.98 -14.52
N PRO A 3 11.20 -27.18 -14.13
CA PRO A 3 10.58 -28.53 -14.19
C PRO A 3 10.23 -28.87 -15.64
N LEU A 4 9.71 -27.91 -16.35
CA LEU A 4 9.32 -28.15 -17.78
C LEU A 4 9.44 -26.86 -18.56
N GLN A 5 8.99 -26.84 -19.79
CA GLN A 5 9.06 -25.59 -20.59
C GLN A 5 8.58 -24.41 -19.73
N TYR A 6 7.75 -24.70 -18.76
CA TYR A 6 7.24 -23.61 -17.87
C TYR A 6 6.79 -22.41 -18.70
N LYS A 7 5.58 -22.45 -19.22
CA LYS A 7 5.10 -21.30 -20.03
C LYS A 7 3.57 -21.37 -20.19
N ASP A 8 2.86 -21.41 -19.11
CA ASP A 8 1.37 -21.48 -19.19
C ASP A 8 0.74 -20.32 -18.42
N LEU A 9 0.93 -19.12 -18.89
CA LEU A 9 0.35 -17.94 -18.18
C LEU A 9 0.55 -16.67 -19.01
N LYS A 10 0.81 -15.56 -18.37
CA LYS A 10 1.01 -14.27 -19.10
C LYS A 10 -0.34 -13.76 -19.61
N ILE A 11 -0.31 -12.77 -20.46
CA ILE A 11 -1.59 -12.21 -21.00
C ILE A 11 -2.63 -12.12 -19.91
N ASP A 12 -2.24 -11.99 -18.68
CA ASP A 12 -3.25 -11.92 -17.61
C ASP A 12 -3.61 -10.46 -17.33
N ILE A 13 -4.34 -10.21 -16.28
CA ILE A 13 -4.72 -8.81 -15.95
C ILE A 13 -3.55 -8.08 -15.27
N LYS A 14 -3.32 -6.84 -15.62
CA LYS A 14 -2.21 -6.08 -15.00
C LYS A 14 -2.75 -4.88 -14.24
N THR A 15 -3.82 -5.05 -13.52
CA THR A 15 -4.41 -3.91 -12.76
C THR A 15 -5.15 -4.43 -11.52
N SER A 16 -4.65 -4.15 -10.34
CA SER A 16 -5.34 -4.63 -9.10
C SER A 16 -6.77 -4.00 -9.05
N PRO A 17 -7.22 -3.29 -7.99
CA PRO A 17 -6.54 -2.93 -6.74
C PRO A 17 -7.17 -3.68 -5.57
N PRO A 18 -7.47 -4.93 -5.77
CA PRO A 18 -8.15 -5.68 -4.71
C PRO A 18 -7.28 -5.77 -3.43
N PRO A 19 -5.96 -5.71 -3.54
CA PRO A 19 -5.14 -5.70 -2.34
C PRO A 19 -5.09 -4.25 -1.84
N GLU A 20 -6.18 -3.82 -1.26
CA GLU A 20 -6.31 -2.40 -0.78
C GLU A 20 -5.20 -1.96 0.17
N CYS A 21 -3.96 -2.07 -0.20
CA CYS A 21 -2.90 -1.57 0.73
C CYS A 21 -2.77 -0.04 0.55
N ILE A 22 -3.03 0.45 -0.64
CA ILE A 22 -2.95 1.93 -0.86
C ILE A 22 -4.22 2.60 -0.37
N ASN A 23 -5.35 2.19 -0.84
CA ASN A 23 -6.59 2.85 -0.38
C ASN A 23 -6.78 2.62 1.12
N ASP A 24 -6.69 1.40 1.58
CA ASP A 24 -6.81 1.17 3.03
C ASP A 24 -5.76 2.03 3.71
N LEU A 25 -4.76 2.38 2.96
CA LEU A 25 -3.69 3.23 3.51
C LEU A 25 -4.10 4.66 3.40
N LEU A 26 -4.26 5.06 2.18
CA LEU A 26 -4.58 6.44 1.87
C LEU A 26 -6.00 6.77 2.28
N GLN A 27 -6.73 5.81 2.76
CA GLN A 27 -8.09 6.07 3.22
C GLN A 27 -7.98 6.89 4.51
N ALA A 28 -6.77 7.06 5.00
CA ALA A 28 -6.59 7.81 6.25
C ALA A 28 -5.54 8.93 6.12
N VAL A 29 -4.74 8.99 5.08
CA VAL A 29 -3.75 10.09 5.04
C VAL A 29 -4.14 11.13 4.00
N ASP A 30 -5.33 11.02 3.49
CA ASP A 30 -5.79 12.03 2.50
C ASP A 30 -4.68 12.29 1.50
N SER A 31 -4.67 11.61 0.41
CA SER A 31 -3.55 11.86 -0.50
C SER A 31 -3.85 11.28 -1.87
N GLN A 32 -4.84 11.83 -2.53
CA GLN A 32 -5.22 11.34 -3.88
C GLN A 32 -3.99 11.17 -4.77
N GLU A 33 -2.91 11.83 -4.45
CA GLU A 33 -1.69 11.66 -5.29
C GLU A 33 -1.17 10.24 -5.12
N VAL A 34 -1.43 9.66 -3.98
CA VAL A 34 -0.98 8.27 -3.73
C VAL A 34 -1.94 7.32 -4.44
N ARG A 35 -3.20 7.62 -4.42
CA ARG A 35 -4.17 6.76 -5.14
C ARG A 35 -4.08 7.10 -6.63
N ASP A 36 -4.04 8.38 -6.92
CA ASP A 36 -3.89 8.80 -8.33
C ASP A 36 -2.65 8.11 -8.86
N TYR A 37 -1.76 7.83 -7.95
CA TYR A 37 -0.53 7.12 -8.26
C TYR A 37 -0.87 5.64 -8.35
N CYS A 38 -1.49 5.13 -7.33
CA CYS A 38 -1.88 3.70 -7.32
C CYS A 38 -2.62 3.36 -8.63
N GLU A 39 -3.59 4.14 -8.99
CA GLU A 39 -4.30 3.87 -10.27
C GLU A 39 -3.38 4.29 -11.41
N LYS A 40 -2.29 4.95 -11.10
CA LYS A 40 -1.34 5.31 -12.18
C LYS A 40 -0.44 4.12 -12.31
N LYS A 41 -0.24 3.48 -11.20
CA LYS A 41 0.60 2.28 -11.16
C LYS A 41 -0.12 1.18 -11.88
N GLY A 42 -1.29 0.92 -11.37
CA GLY A 42 -2.15 -0.10 -11.98
C GLY A 42 -2.85 -0.97 -10.94
N TRP A 43 -3.57 -0.36 -10.06
CA TRP A 43 -4.37 -1.14 -9.07
C TRP A 43 -5.74 -0.65 -9.27
N ILE A 44 -5.76 0.64 -9.28
CA ILE A 44 -6.96 1.43 -9.50
C ILE A 44 -7.77 1.59 -8.23
N VAL A 45 -7.16 1.26 -7.16
CA VAL A 45 -7.81 1.34 -5.82
C VAL A 45 -8.88 2.43 -5.79
N ASN A 46 -10.12 2.06 -5.96
CA ASN A 46 -11.21 3.08 -5.94
C ASN A 46 -12.59 2.40 -5.81
N ILE A 47 -13.38 2.82 -4.86
CA ILE A 47 -14.73 2.20 -4.68
C ILE A 47 -15.82 3.25 -4.87
N THR A 48 -15.52 4.34 -5.53
CA THR A 48 -16.55 5.40 -5.74
C THR A 48 -16.99 5.42 -7.21
N SER A 49 -16.60 4.43 -7.96
CA SER A 49 -17.00 4.39 -9.40
C SER A 49 -17.98 3.24 -9.64
N GLN A 50 -18.47 2.63 -8.61
CA GLN A 50 -19.43 1.50 -8.80
C GLN A 50 -20.88 2.00 -8.61
N VAL A 51 -21.74 1.16 -8.13
CA VAL A 51 -23.17 1.58 -7.92
C VAL A 51 -23.64 2.42 -9.11
N GLN A 52 -24.76 3.09 -8.98
CA GLN A 52 -25.27 3.91 -10.11
C GLN A 52 -26.40 4.82 -9.63
N THR A 53 -26.09 5.78 -8.79
CA THR A 53 -27.15 6.70 -8.28
C THR A 53 -26.52 7.82 -7.45
N GLU A 54 -27.33 8.62 -6.82
CA GLU A 54 -26.78 9.75 -5.99
C GLU A 54 -27.91 10.47 -5.27
N ARG A 55 -28.77 9.74 -4.61
CA ARG A 55 -29.90 10.38 -3.88
C ARG A 55 -30.07 9.78 -2.50
N ASN A 56 -29.70 10.50 -1.47
CA ASN A 56 -29.83 9.97 -0.09
C ASN A 56 -29.53 11.07 0.93
N ILE A 57 -30.24 12.15 0.87
CA ILE A 57 -30.00 13.27 1.83
C ILE A 57 -30.56 12.93 3.20
N ASN A 58 -31.17 11.79 3.35
CA ASN A 58 -31.75 11.40 4.67
C ASN A 58 -30.67 11.46 5.75
N ARG A 59 -29.42 11.38 5.37
CA ARG A 59 -28.33 11.43 6.39
C ARG A 59 -26.98 11.67 5.72
N ALA A 60 -25.92 11.72 6.49
CA ALA A 60 -24.57 11.94 5.89
C ALA A 60 -23.90 10.61 5.58
N MET B 1 5.57 12.82 27.02
CA MET B 1 4.43 12.68 26.05
C MET B 1 4.18 11.19 25.76
N GLY B 2 5.23 10.43 25.60
CA GLY B 2 5.05 8.98 25.30
C GLY B 2 6.43 8.32 25.18
N PRO B 3 6.58 7.19 25.82
CA PRO B 3 7.86 6.45 25.79
C PRO B 3 8.00 5.75 24.44
N LEU B 4 6.91 5.28 23.93
CA LEU B 4 6.93 4.55 22.63
C LEU B 4 5.60 4.76 21.92
N GLN B 5 5.26 3.92 20.98
CA GLN B 5 3.96 4.06 20.30
C GLN B 5 2.86 3.55 21.25
N TYR B 6 2.79 4.11 22.42
CA TYR B 6 1.79 3.67 23.42
C TYR B 6 0.45 3.34 22.74
N LYS B 7 -0.14 2.24 23.10
CA LYS B 7 -1.46 1.85 22.49
C LYS B 7 -1.79 0.41 22.84
N ASP B 8 -1.10 -0.53 22.23
CA ASP B 8 -1.37 -1.97 22.52
C ASP B 8 -0.42 -2.85 21.70
N LEU B 9 -0.88 -4.00 21.30
CA LEU B 9 -0.02 -4.92 20.50
C LEU B 9 1.31 -5.17 21.23
N LYS B 10 1.37 -6.19 22.03
CA LYS B 10 2.62 -6.50 22.78
C LYS B 10 2.81 -8.01 22.86
N ILE B 11 2.03 -8.76 22.14
CA ILE B 11 2.16 -10.24 22.18
C ILE B 11 2.51 -10.79 20.81
N ASP B 12 1.53 -11.18 20.06
CA ASP B 12 1.78 -11.73 18.70
C ASP B 12 2.51 -10.71 17.83
N ILE B 13 2.37 -10.82 16.54
CA ILE B 13 3.04 -9.85 15.63
C ILE B 13 2.00 -9.01 14.89
N LYS B 14 2.32 -7.78 14.58
CA LYS B 14 1.33 -6.92 13.87
C LYS B 14 2.04 -5.73 13.20
N THR B 15 3.22 -5.93 12.70
CA THR B 15 3.96 -4.81 12.05
C THR B 15 4.69 -5.31 10.79
N SER B 16 4.21 -4.96 9.63
CA SER B 16 4.88 -5.41 8.37
C SER B 16 6.33 -4.83 8.33
N PRO B 17 6.79 -4.06 7.34
CA PRO B 17 6.12 -3.60 6.11
C PRO B 17 6.72 -4.28 4.89
N PRO B 18 7.02 -5.55 5.00
CA PRO B 18 7.66 -6.22 3.87
C PRO B 18 6.80 -6.18 2.60
N PRO B 19 5.50 -6.19 2.72
CA PRO B 19 4.67 -6.05 1.51
C PRO B 19 4.71 -4.56 1.12
N GLU B 20 5.82 -4.14 0.57
CA GLU B 20 6.01 -2.70 0.19
C GLU B 20 4.91 -2.15 -0.73
N CYS B 21 3.66 -2.23 -0.36
CA CYS B 21 2.62 -1.63 -1.24
C CYS B 21 2.56 -0.13 -0.99
N ILE B 22 2.84 0.30 0.23
CA ILE B 22 2.81 1.76 0.55
C ILE B 22 4.11 2.41 0.09
N ASN B 23 5.22 1.91 0.53
CA ASN B 23 6.49 2.55 0.13
C ASN B 23 6.69 2.41 -1.37
N ASP B 24 6.55 1.23 -1.91
CA ASP B 24 6.68 1.09 -3.38
C ASP B 24 5.68 2.03 -4.01
N LEU B 25 4.67 2.37 -3.25
CA LEU B 25 3.65 3.30 -3.74
C LEU B 25 4.13 4.71 -3.54
N LEU B 26 4.29 5.02 -2.30
CA LEU B 26 4.66 6.35 -1.90
C LEU B 26 6.11 6.65 -2.30
N GLN B 27 6.78 5.69 -2.83
CA GLN B 27 8.16 5.93 -3.30
C GLN B 27 8.07 6.84 -4.51
N ALA B 28 6.87 7.08 -5.00
CA ALA B 28 6.70 7.92 -6.20
C ALA B 28 5.70 9.07 -6.00
N VAL B 29 4.90 9.10 -4.95
CA VAL B 29 3.97 10.24 -4.83
C VAL B 29 4.41 11.17 -3.73
N ASP B 30 5.60 10.99 -3.23
CA ASP B 30 6.10 11.91 -2.19
C ASP B 30 5.02 12.16 -1.16
N SER B 31 4.98 11.42 -0.11
CA SER B 31 3.87 11.66 0.82
C SER B 31 4.14 10.97 2.14
N GLN B 32 5.15 11.43 2.83
CA GLN B 32 5.51 10.83 4.14
C GLN B 32 4.26 10.66 5.03
N GLU B 33 3.23 11.38 4.75
CA GLU B 33 1.99 11.22 5.57
C GLU B 33 1.42 9.84 5.31
N VAL B 34 1.62 9.32 4.13
CA VAL B 34 1.11 7.97 3.82
C VAL B 34 2.03 6.93 4.46
N ARG B 35 3.29 7.17 4.46
CA ARG B 35 4.23 6.23 5.13
C ARG B 35 4.14 6.49 6.63
N ASP B 36 4.16 7.75 7.00
CA ASP B 36 4.02 8.08 8.44
C ASP B 36 2.75 7.42 8.92
N TYR B 37 1.85 7.24 8.01
CA TYR B 37 0.58 6.57 8.28
C TYR B 37 0.85 5.07 8.29
N CYS B 38 1.47 4.59 7.25
CA CYS B 38 1.80 3.15 7.16
C CYS B 38 2.51 2.71 8.43
N GLU B 39 3.52 3.42 8.84
CA GLU B 39 4.21 3.05 10.10
C GLU B 39 3.29 3.42 11.27
N LYS B 40 2.23 4.14 10.99
CA LYS B 40 1.29 4.48 12.07
C LYS B 40 0.34 3.32 12.13
N LYS B 41 0.10 2.76 10.98
CA LYS B 41 -0.79 1.61 10.86
C LYS B 41 -0.11 0.44 11.51
N GLY B 42 1.04 0.15 11.00
CA GLY B 42 1.85 -0.94 11.53
C GLY B 42 2.52 -1.77 10.43
N TRP B 43 3.28 -1.12 9.59
CA TRP B 43 4.05 -1.86 8.56
C TRP B 43 5.45 -1.43 8.78
N ILE B 44 5.50 -0.14 8.89
CA ILE B 44 6.75 0.58 9.15
C ILE B 44 7.55 0.76 7.88
N VAL B 45 6.92 0.48 6.79
CA VAL B 45 7.56 0.58 5.45
C VAL B 45 8.77 1.54 5.47
N ASN B 46 9.94 1.00 5.66
CA ASN B 46 11.17 1.85 5.71
C ASN B 46 12.39 0.99 6.02
N ILE B 47 12.98 0.36 5.04
CA ILE B 47 14.17 -0.48 5.29
C ILE B 47 15.41 0.14 4.65
N THR B 48 16.44 0.40 5.41
CA THR B 48 17.67 1.01 4.82
C THR B 48 18.91 0.48 5.53
N SER B 49 19.34 -0.72 5.21
CA SER B 49 20.55 -1.28 5.86
C SER B 49 21.81 -0.75 5.18
N GLN B 50 22.82 -1.56 5.05
CA GLN B 50 24.07 -1.08 4.38
C GLN B 50 24.45 0.30 4.92
N VAL B 51 25.00 1.14 4.07
CA VAL B 51 25.39 2.50 4.51
C VAL B 51 26.28 2.43 5.77
N GLN B 52 26.88 3.52 6.14
CA GLN B 52 27.75 3.52 7.35
C GLN B 52 26.92 3.23 8.60
N THR B 53 27.52 2.67 9.61
CA THR B 53 26.76 2.37 10.85
C THR B 53 27.47 3.00 12.06
N GLU B 54 26.86 3.98 12.67
CA GLU B 54 27.51 4.64 13.84
C GLU B 54 28.76 5.40 13.41
N ARG B 55 28.91 6.62 13.83
CA ARG B 55 30.11 7.40 13.43
C ARG B 55 30.89 7.86 14.67
N ASN B 56 31.96 8.59 14.49
CA ASN B 56 32.75 9.07 15.65
C ASN B 56 33.31 10.46 15.37
N ILE B 57 32.73 11.47 15.99
CA ILE B 57 33.22 12.86 15.75
C ILE B 57 33.06 13.25 14.29
N ASN B 58 31.91 13.72 13.91
CA ASN B 58 31.69 14.12 12.49
C ASN B 58 31.46 15.63 12.40
N ARG B 59 32.51 16.40 12.32
CA ARG B 59 32.34 17.88 12.23
C ARG B 59 32.46 18.35 10.78
N ALA B 60 31.97 19.52 10.47
CA ALA B 60 32.04 20.03 9.08
C ALA B 60 31.41 21.42 8.98
N MET A 1 -26.10 -28.81 -20.10
CA MET A 1 -25.01 -28.93 -19.09
C MET A 1 -25.13 -27.82 -18.04
N GLY A 2 -26.32 -27.61 -17.53
CA GLY A 2 -26.51 -26.54 -16.51
C GLY A 2 -27.27 -25.38 -17.14
N PRO A 3 -27.28 -24.28 -16.44
CA PRO A 3 -27.98 -23.06 -16.93
C PRO A 3 -27.16 -22.42 -18.05
N LEU A 4 -25.86 -22.42 -17.87
CA LEU A 4 -24.96 -21.81 -18.88
C LEU A 4 -23.56 -22.38 -18.72
N GLN A 5 -22.57 -21.70 -19.24
CA GLN A 5 -21.18 -22.22 -19.08
C GLN A 5 -20.82 -22.26 -17.60
N TYR A 6 -21.55 -21.53 -16.79
CA TYR A 6 -21.28 -21.51 -15.32
C TYR A 6 -19.77 -21.48 -15.05
N LYS A 7 -19.18 -20.31 -15.09
CA LYS A 7 -17.71 -20.22 -14.82
C LYS A 7 -17.31 -18.75 -14.62
N ASP A 8 -16.82 -18.10 -15.66
CA ASP A 8 -16.41 -16.67 -15.51
C ASP A 8 -15.31 -16.53 -14.46
N LEU A 9 -14.62 -15.42 -14.47
CA LEU A 9 -13.54 -15.20 -13.47
C LEU A 9 -13.47 -13.73 -13.09
N LYS A 10 -12.34 -13.24 -12.65
CA LYS A 10 -12.24 -11.80 -12.26
C LYS A 10 -10.82 -11.44 -11.83
N ILE A 11 -9.83 -12.09 -12.36
CA ILE A 11 -8.43 -11.77 -11.99
C ILE A 11 -7.54 -11.75 -13.23
N ASP A 12 -6.41 -12.40 -13.14
CA ASP A 12 -5.49 -12.45 -14.29
C ASP A 12 -4.94 -11.06 -14.62
N ILE A 13 -5.81 -10.14 -14.97
CA ILE A 13 -5.35 -8.76 -15.31
C ILE A 13 -4.45 -8.22 -14.20
N LYS A 14 -3.33 -7.64 -14.56
CA LYS A 14 -2.41 -7.09 -13.53
C LYS A 14 -3.09 -5.97 -12.74
N THR A 15 -3.72 -5.05 -13.42
CA THR A 15 -4.40 -3.93 -12.71
C THR A 15 -5.19 -4.45 -11.50
N SER A 16 -4.69 -4.21 -10.31
CA SER A 16 -5.42 -4.69 -9.09
C SER A 16 -6.83 -4.02 -9.03
N PRO A 17 -7.26 -3.27 -8.00
CA PRO A 17 -6.57 -2.90 -6.75
C PRO A 17 -7.22 -3.59 -5.57
N PRO A 18 -7.61 -4.82 -5.72
CA PRO A 18 -8.31 -5.51 -4.64
C PRO A 18 -7.45 -5.60 -3.36
N PRO A 19 -6.15 -5.71 -3.49
CA PRO A 19 -5.31 -5.71 -2.27
C PRO A 19 -5.22 -4.25 -1.80
N GLU A 20 -6.28 -3.76 -1.22
CA GLU A 20 -6.36 -2.34 -0.77
C GLU A 20 -5.22 -1.91 0.17
N CYS A 21 -3.99 -2.05 -0.22
CA CYS A 21 -2.90 -1.56 0.70
C CYS A 21 -2.76 -0.04 0.52
N ILE A 22 -3.01 0.47 -0.67
CA ILE A 22 -2.91 1.94 -0.89
C ILE A 22 -4.16 2.65 -0.41
N ASN A 23 -5.30 2.24 -0.88
CA ASN A 23 -6.54 2.91 -0.44
C ASN A 23 -6.76 2.69 1.05
N ASP A 24 -6.67 1.48 1.52
CA ASP A 24 -6.83 1.25 2.97
C ASP A 24 -5.78 2.10 3.66
N LEU A 25 -4.76 2.45 2.93
CA LEU A 25 -3.70 3.29 3.47
C LEU A 25 -4.10 4.74 3.36
N LEU A 26 -4.25 5.13 2.13
CA LEU A 26 -4.55 6.51 1.82
C LEU A 26 -5.97 6.85 2.24
N GLN A 27 -6.70 5.89 2.70
CA GLN A 27 -8.06 6.16 3.17
C GLN A 27 -7.95 6.99 4.44
N ALA A 28 -6.74 7.17 4.92
CA ALA A 28 -6.55 7.93 6.17
C ALA A 28 -5.56 9.11 6.01
N VAL A 29 -4.74 9.18 4.98
CA VAL A 29 -3.80 10.34 4.93
C VAL A 29 -4.21 11.31 3.83
N ASP A 30 -5.40 11.19 3.31
CA ASP A 30 -5.84 12.16 2.28
C ASP A 30 -4.73 12.39 1.29
N SER A 31 -4.68 11.67 0.22
CA SER A 31 -3.56 11.90 -0.68
C SER A 31 -3.83 11.25 -2.03
N GLN A 32 -4.82 11.77 -2.72
CA GLN A 32 -5.19 11.21 -4.04
C GLN A 32 -3.94 11.00 -4.89
N GLU A 33 -2.88 11.69 -4.61
CA GLU A 33 -1.65 11.49 -5.40
C GLU A 33 -1.16 10.06 -5.20
N VAL A 34 -1.42 9.50 -4.05
CA VAL A 34 -0.99 8.11 -3.79
C VAL A 34 -1.97 7.16 -4.49
N ARG A 35 -3.23 7.46 -4.47
CA ARG A 35 -4.22 6.61 -5.18
C ARG A 35 -4.14 6.93 -6.67
N ASP A 36 -4.12 8.20 -6.99
CA ASP A 36 -3.99 8.60 -8.41
C ASP A 36 -2.73 7.92 -8.93
N TYR A 37 -1.84 7.67 -8.01
CA TYR A 37 -0.59 6.98 -8.32
C TYR A 37 -0.90 5.49 -8.41
N CYS A 38 -1.53 4.99 -7.39
CA CYS A 38 -1.90 3.56 -7.36
C CYS A 38 -2.63 3.20 -8.65
N GLU A 39 -3.62 3.96 -9.02
CA GLU A 39 -4.33 3.68 -10.30
C GLU A 39 -3.42 4.10 -11.45
N LYS A 40 -2.34 4.78 -11.15
CA LYS A 40 -1.39 5.15 -12.22
C LYS A 40 -0.47 3.97 -12.36
N LYS A 41 -0.25 3.34 -11.25
CA LYS A 41 0.60 2.16 -11.20
C LYS A 41 -0.11 1.04 -11.91
N GLY A 42 -1.28 0.77 -11.42
CA GLY A 42 -2.12 -0.27 -12.01
C GLY A 42 -2.83 -1.11 -10.95
N TRP A 43 -3.58 -0.47 -10.11
CA TRP A 43 -4.39 -1.22 -9.10
C TRP A 43 -5.76 -0.70 -9.32
N ILE A 44 -5.76 0.59 -9.34
CA ILE A 44 -6.96 1.39 -9.60
C ILE A 44 -7.74 1.63 -8.32
N VAL A 45 -7.13 1.34 -7.24
CA VAL A 45 -7.78 1.48 -5.91
C VAL A 45 -8.81 2.62 -5.92
N ASN A 46 -10.07 2.28 -6.03
CA ASN A 46 -11.13 3.35 -6.06
C ASN A 46 -12.51 2.73 -5.80
N ILE A 47 -13.44 3.52 -5.33
CA ILE A 47 -14.81 2.98 -5.05
C ILE A 47 -15.61 2.88 -6.35
N THR A 48 -16.43 1.88 -6.48
CA THR A 48 -17.24 1.73 -7.73
C THR A 48 -18.70 2.11 -7.47
N SER A 49 -19.54 1.93 -8.45
CA SER A 49 -20.98 2.29 -8.27
C SER A 49 -21.75 1.09 -7.73
N GLN A 50 -21.73 -0.01 -8.42
CA GLN A 50 -22.47 -1.22 -7.95
C GLN A 50 -22.03 -1.57 -6.53
N VAL A 51 -22.82 -1.23 -5.55
CA VAL A 51 -22.44 -1.54 -4.13
C VAL A 51 -23.59 -2.26 -3.43
N GLN A 52 -24.50 -2.83 -4.17
CA GLN A 52 -25.65 -3.54 -3.54
C GLN A 52 -26.34 -2.63 -2.53
N THR A 53 -27.46 -3.05 -2.00
CA THR A 53 -28.18 -2.21 -1.00
C THR A 53 -29.03 -3.09 -0.08
N GLU A 54 -28.59 -4.29 0.19
CA GLU A 54 -29.37 -5.19 1.08
C GLU A 54 -30.81 -5.33 0.56
N ARG A 55 -31.68 -4.44 0.94
CA ARG A 55 -33.09 -4.53 0.47
C ARG A 55 -33.48 -3.26 -0.31
N ASN A 56 -32.87 -2.15 0.02
CA ASN A 56 -33.19 -0.88 -0.69
C ASN A 56 -34.70 -0.58 -0.60
N ILE A 57 -35.37 -1.16 0.37
CA ILE A 57 -36.83 -0.90 0.51
C ILE A 57 -37.54 -1.13 -0.83
N ASN A 58 -38.11 -2.28 -1.01
CA ASN A 58 -38.83 -2.56 -2.29
C ASN A 58 -40.33 -2.71 -2.04
N ARG A 59 -41.14 -2.49 -3.04
CA ARG A 59 -42.61 -2.62 -2.86
C ARG A 59 -43.03 -4.08 -3.02
N ALA A 60 -44.30 -4.32 -3.18
CA ALA A 60 -44.78 -5.72 -3.34
C ALA A 60 -45.96 -5.77 -4.33
N MET B 1 14.90 -14.21 29.27
CA MET B 1 14.28 -15.52 28.93
C MET B 1 12.80 -15.51 29.32
N GLY B 2 11.97 -16.20 28.57
CA GLY B 2 10.52 -16.23 28.91
C GLY B 2 10.04 -14.81 29.21
N PRO B 3 9.80 -14.07 28.15
CA PRO B 3 9.34 -12.66 28.29
C PRO B 3 7.87 -12.65 28.70
N LEU B 4 7.10 -13.50 28.09
CA LEU B 4 5.64 -13.56 28.40
C LEU B 4 5.10 -14.95 28.08
N GLN B 5 5.75 -15.98 28.55
CA GLN B 5 5.27 -17.36 28.24
C GLN B 5 5.53 -17.64 26.74
N TYR B 6 5.05 -16.78 25.89
CA TYR B 6 5.28 -16.95 24.42
C TYR B 6 4.36 -18.05 23.86
N LYS B 7 3.52 -17.71 22.91
CA LYS B 7 2.61 -18.73 22.32
C LYS B 7 1.80 -18.12 21.18
N ASP B 8 1.31 -18.92 20.28
CA ASP B 8 0.52 -18.38 19.14
C ASP B 8 1.27 -17.24 18.46
N LEU B 9 2.00 -17.54 17.41
CA LEU B 9 2.76 -16.48 16.70
C LEU B 9 1.94 -15.94 15.52
N LYS B 10 0.65 -16.20 15.52
CA LYS B 10 -0.19 -15.71 14.40
C LYS B 10 -0.58 -14.24 14.62
N ILE B 11 -0.03 -13.62 15.62
CA ILE B 11 -0.36 -12.20 15.89
C ILE B 11 0.87 -11.46 16.45
N ASP B 12 0.74 -10.77 17.54
CA ASP B 12 1.89 -10.06 18.12
C ASP B 12 2.62 -9.25 17.05
N ILE B 13 3.64 -9.83 16.46
CA ILE B 13 4.42 -9.11 15.42
C ILE B 13 3.61 -8.98 14.12
N LYS B 14 2.57 -8.18 14.12
CA LYS B 14 1.78 -8.00 12.87
C LYS B 14 2.36 -6.83 12.07
N THR B 15 3.24 -6.08 12.67
CA THR B 15 3.87 -4.91 11.98
C THR B 15 4.62 -5.38 10.72
N SER B 16 4.15 -5.00 9.55
CA SER B 16 4.86 -5.41 8.30
C SER B 16 6.30 -4.81 8.30
N PRO B 17 6.78 -4.01 7.32
CA PRO B 17 6.12 -3.53 6.10
C PRO B 17 6.74 -4.18 4.87
N PRO B 18 7.08 -5.43 4.96
CA PRO B 18 7.76 -6.08 3.83
C PRO B 18 6.91 -6.03 2.54
N PRO B 19 5.61 -6.12 2.65
CA PRO B 19 4.77 -5.98 1.43
C PRO B 19 4.78 -4.49 1.06
N GLU B 20 5.88 -4.04 0.50
CA GLU B 20 6.04 -2.59 0.15
C GLU B 20 4.94 -2.04 -0.76
N CYS B 21 3.69 -2.13 -0.39
CA CYS B 21 2.64 -1.52 -1.28
C CYS B 21 2.58 -0.02 -0.99
N ILE B 22 2.85 0.39 0.23
CA ILE B 22 2.83 1.85 0.56
C ILE B 22 4.13 2.51 0.12
N ASN B 23 5.22 2.02 0.58
CA ASN B 23 6.51 2.66 0.19
C ASN B 23 6.71 2.53 -1.32
N ASP B 24 6.55 1.36 -1.87
CA ASP B 24 6.70 1.24 -3.34
C ASP B 24 5.70 2.19 -3.97
N LEU B 25 4.70 2.54 -3.22
CA LEU B 25 3.68 3.47 -3.71
C LEU B 25 4.15 4.88 -3.46
N LEU B 26 4.31 5.19 -2.22
CA LEU B 26 4.68 6.52 -1.82
C LEU B 26 6.11 6.81 -2.21
N GLN B 27 6.80 5.82 -2.71
CA GLN B 27 8.18 6.03 -3.18
C GLN B 27 8.08 6.92 -4.41
N ALA B 28 6.88 7.09 -4.92
CA ALA B 28 6.68 7.91 -6.12
C ALA B 28 5.90 9.19 -5.80
N VAL B 29 5.07 9.22 -4.77
CA VAL B 29 4.35 10.48 -4.50
C VAL B 29 4.75 10.97 -3.13
N ASP B 30 5.71 11.82 -3.10
CA ASP B 30 6.20 12.40 -1.82
C ASP B 30 5.07 12.50 -0.82
N SER B 31 5.00 11.63 0.14
CA SER B 31 3.87 11.76 1.05
C SER B 31 4.12 10.99 2.34
N GLN B 32 5.13 11.41 3.07
CA GLN B 32 5.46 10.73 4.35
C GLN B 32 4.19 10.55 5.18
N GLU B 33 3.19 11.33 4.93
CA GLU B 33 1.94 11.15 5.71
C GLU B 33 1.38 9.77 5.40
N VAL B 34 1.67 9.28 4.23
CA VAL B 34 1.20 7.93 3.83
C VAL B 34 2.10 6.88 4.50
N ARG B 35 3.38 7.11 4.49
CA ARG B 35 4.31 6.15 5.16
C ARG B 35 4.21 6.38 6.67
N ASP B 36 4.23 7.62 7.07
CA ASP B 36 4.09 7.94 8.51
C ASP B 36 2.80 7.31 8.96
N TYR B 37 1.90 7.17 8.03
CA TYR B 37 0.61 6.52 8.28
C TYR B 37 0.85 5.03 8.26
N CYS B 38 1.48 4.55 7.23
CA CYS B 38 1.78 3.12 7.11
C CYS B 38 2.47 2.63 8.38
N GLU B 39 3.49 3.31 8.82
CA GLU B 39 4.16 2.91 10.07
C GLU B 39 3.25 3.28 11.24
N LYS B 40 2.21 4.04 10.98
CA LYS B 40 1.28 4.38 12.07
C LYS B 40 0.30 3.23 12.11
N LYS B 41 0.06 2.71 10.95
CA LYS B 41 -0.85 1.56 10.80
C LYS B 41 -0.20 0.38 11.45
N GLY B 42 0.96 0.09 10.95
CA GLY B 42 1.75 -1.02 11.49
C GLY B 42 2.44 -1.83 10.39
N TRP B 43 3.22 -1.17 9.58
CA TRP B 43 4.00 -1.89 8.54
C TRP B 43 5.39 -1.45 8.80
N ILE B 44 5.44 -0.17 8.92
CA ILE B 44 6.67 0.56 9.23
C ILE B 44 7.49 0.83 7.99
N VAL B 45 6.88 0.62 6.88
CA VAL B 45 7.56 0.83 5.57
C VAL B 45 8.65 1.89 5.68
N ASN B 46 9.87 1.48 5.92
CA ASN B 46 10.99 2.45 6.06
C ASN B 46 12.25 1.74 6.54
N ILE B 47 13.16 1.42 5.66
CA ILE B 47 14.40 0.72 6.07
C ILE B 47 15.64 1.42 5.53
N THR B 48 15.95 2.60 6.03
CA THR B 48 17.15 3.33 5.53
C THR B 48 17.98 3.84 6.72
N SER B 49 18.25 3.00 7.68
CA SER B 49 19.05 3.45 8.86
C SER B 49 19.99 2.35 9.31
N GLN B 50 20.33 1.44 8.43
CA GLN B 50 21.25 0.33 8.83
C GLN B 50 22.22 0.00 7.69
N VAL B 51 22.85 0.99 7.13
CA VAL B 51 23.81 0.73 6.02
C VAL B 51 25.18 1.33 6.35
N GLN B 52 25.92 0.67 7.20
CA GLN B 52 27.27 1.19 7.56
C GLN B 52 27.18 2.67 7.95
N THR B 53 26.86 2.96 9.19
CA THR B 53 26.76 4.38 9.62
C THR B 53 27.51 4.59 10.94
N GLU B 54 28.64 3.95 11.10
CA GLU B 54 29.42 4.11 12.36
C GLU B 54 28.55 3.75 13.57
N ARG B 55 28.66 2.53 14.04
CA ARG B 55 27.85 2.11 15.22
C ARG B 55 28.75 1.89 16.43
N ASN B 56 28.20 1.89 17.62
CA ASN B 56 29.04 1.68 18.83
C ASN B 56 28.22 1.02 19.94
N ILE B 57 27.51 -0.03 19.63
CA ILE B 57 26.70 -0.72 20.67
C ILE B 57 27.61 -1.34 21.74
N ASN B 58 28.89 -1.45 21.46
CA ASN B 58 29.83 -2.05 22.45
C ASN B 58 29.39 -3.47 22.80
N ARG B 59 30.03 -4.08 23.77
CA ARG B 59 29.64 -5.46 24.16
C ARG B 59 30.56 -5.96 25.29
N ALA B 60 30.09 -5.90 26.50
CA ALA B 60 30.94 -6.38 27.64
C ALA B 60 32.33 -5.75 27.57
N MET A 1 7.84 -5.44 -41.95
CA MET A 1 7.03 -6.69 -41.92
C MET A 1 6.65 -7.05 -40.48
N GLY A 2 5.45 -6.74 -40.08
CA GLY A 2 5.02 -7.06 -38.69
C GLY A 2 3.54 -7.47 -38.71
N PRO A 3 3.24 -8.46 -37.91
CA PRO A 3 1.85 -8.96 -37.82
C PRO A 3 1.00 -8.00 -36.99
N LEU A 4 1.62 -7.38 -36.02
CA LEU A 4 0.88 -6.43 -35.15
C LEU A 4 1.88 -5.46 -34.50
N GLN A 5 2.87 -5.03 -35.24
CA GLN A 5 3.88 -4.12 -34.66
C GLN A 5 4.73 -4.89 -33.63
N TYR A 6 4.51 -6.18 -33.52
CA TYR A 6 5.28 -7.01 -32.56
C TYR A 6 5.56 -6.25 -31.26
N LYS A 7 6.54 -6.70 -30.52
CA LYS A 7 6.89 -6.02 -29.24
C LYS A 7 5.63 -5.79 -28.41
N ASP A 8 4.81 -6.79 -28.24
CA ASP A 8 3.57 -6.62 -27.44
C ASP A 8 3.72 -7.27 -26.07
N LEU A 9 3.80 -6.47 -25.04
CA LEU A 9 3.95 -7.04 -23.66
C LEU A 9 3.62 -5.97 -22.62
N LYS A 10 3.11 -6.36 -21.49
CA LYS A 10 2.77 -5.36 -20.44
C LYS A 10 1.71 -4.39 -20.96
N ILE A 11 1.74 -3.16 -20.50
CA ILE A 11 0.74 -2.12 -20.93
C ILE A 11 -0.57 -2.74 -21.38
N ASP A 12 -1.05 -3.73 -20.70
CA ASP A 12 -2.33 -4.33 -21.15
C ASP A 12 -3.19 -4.67 -19.94
N ILE A 13 -2.81 -5.66 -19.19
CA ILE A 13 -3.60 -6.06 -17.98
C ILE A 13 -2.77 -5.79 -16.72
N LYS A 14 -2.91 -6.62 -15.71
CA LYS A 14 -2.13 -6.41 -14.46
C LYS A 14 -2.63 -5.17 -13.70
N THR A 15 -3.91 -5.05 -13.52
CA THR A 15 -4.46 -3.89 -12.78
C THR A 15 -5.21 -4.37 -11.54
N SER A 16 -4.70 -4.10 -10.35
CA SER A 16 -5.40 -4.56 -9.11
C SER A 16 -6.81 -3.88 -9.05
N PRO A 17 -7.24 -3.17 -8.00
CA PRO A 17 -6.55 -2.83 -6.75
C PRO A 17 -7.20 -3.57 -5.58
N PRO A 18 -7.53 -4.81 -5.77
CA PRO A 18 -8.22 -5.55 -4.70
C PRO A 18 -7.34 -5.69 -3.44
N PRO A 19 -6.04 -5.68 -3.58
CA PRO A 19 -5.18 -5.71 -2.38
C PRO A 19 -5.11 -4.28 -1.86
N GLU A 20 -6.20 -3.81 -1.32
CA GLU A 20 -6.32 -2.40 -0.83
C GLU A 20 -5.19 -1.97 0.13
N CYS A 21 -3.96 -2.09 -0.24
CA CYS A 21 -2.90 -1.59 0.70
C CYS A 21 -2.77 -0.07 0.54
N ILE A 22 -3.03 0.44 -0.64
CA ILE A 22 -2.94 1.91 -0.86
C ILE A 22 -4.19 2.60 -0.35
N ASN A 23 -5.33 2.18 -0.81
CA ASN A 23 -6.57 2.84 -0.33
C ASN A 23 -6.73 2.58 1.17
N ASP A 24 -6.63 1.35 1.61
CA ASP A 24 -6.74 1.11 3.07
C ASP A 24 -5.70 1.99 3.74
N LEU A 25 -4.72 2.38 2.99
CA LEU A 25 -3.67 3.24 3.53
C LEU A 25 -4.09 4.68 3.40
N LEU A 26 -4.26 5.08 2.19
CA LEU A 26 -4.56 6.46 1.88
C LEU A 26 -5.98 6.84 2.27
N GLN A 27 -6.79 5.90 2.65
CA GLN A 27 -8.15 6.26 3.07
C GLN A 27 -8.02 7.04 4.39
N ALA A 28 -6.81 7.08 4.93
CA ALA A 28 -6.60 7.79 6.21
C ALA A 28 -5.60 8.96 6.08
N VAL A 29 -4.77 9.02 5.06
CA VAL A 29 -3.82 10.18 5.03
C VAL A 29 -4.25 11.18 3.98
N ASP A 30 -5.44 11.05 3.46
CA ASP A 30 -5.90 12.04 2.47
C ASP A 30 -4.80 12.32 1.48
N SER A 31 -4.75 11.62 0.40
CA SER A 31 -3.63 11.88 -0.50
C SER A 31 -3.91 11.26 -1.87
N GLN A 32 -4.90 11.75 -2.55
CA GLN A 32 -5.25 11.19 -3.88
C GLN A 32 -3.99 11.03 -4.72
N GLU A 33 -2.94 11.72 -4.41
CA GLU A 33 -1.70 11.55 -5.21
C GLU A 33 -1.20 10.11 -5.04
N VAL A 34 -1.46 9.51 -3.91
CA VAL A 34 -1.02 8.11 -3.70
C VAL A 34 -1.99 7.18 -4.44
N ARG A 35 -3.26 7.46 -4.39
CA ARG A 35 -4.24 6.62 -5.13
C ARG A 35 -4.15 6.99 -6.61
N ASP A 36 -4.11 8.27 -6.88
CA ASP A 36 -3.97 8.72 -8.29
C ASP A 36 -2.71 8.05 -8.82
N TYR A 37 -1.81 7.80 -7.93
CA TYR A 37 -0.56 7.12 -8.27
C TYR A 37 -0.87 5.63 -8.37
N CYS A 38 -1.50 5.11 -7.36
CA CYS A 38 -1.86 3.68 -7.35
C CYS A 38 -2.61 3.34 -8.63
N GLU A 39 -3.59 4.12 -8.99
CA GLU A 39 -4.31 3.84 -10.26
C GLU A 39 -3.40 4.26 -11.41
N LYS A 40 -2.31 4.92 -11.12
CA LYS A 40 -1.38 5.28 -12.20
C LYS A 40 -0.47 4.09 -12.34
N LYS A 41 -0.20 3.49 -11.23
CA LYS A 41 0.63 2.30 -11.18
C LYS A 41 -0.11 1.19 -11.90
N GLY A 42 -1.27 0.94 -11.40
CA GLY A 42 -2.14 -0.08 -12.01
C GLY A 42 -2.86 -0.95 -10.97
N TRP A 43 -3.55 -0.32 -10.07
CA TRP A 43 -4.36 -1.10 -9.09
C TRP A 43 -5.72 -0.58 -9.27
N ILE A 44 -5.73 0.70 -9.30
CA ILE A 44 -6.93 1.51 -9.54
C ILE A 44 -7.69 1.75 -8.26
N VAL A 45 -7.09 1.44 -7.17
CA VAL A 45 -7.74 1.63 -5.85
C VAL A 45 -8.70 2.82 -5.87
N ASN A 46 -9.95 2.60 -6.11
CA ASN A 46 -10.90 3.75 -6.15
C ASN A 46 -12.29 3.33 -5.67
N ILE A 47 -12.99 4.21 -5.00
CA ILE A 47 -14.35 3.86 -4.49
C ILE A 47 -15.34 3.79 -5.67
N THR A 48 -15.93 2.65 -5.88
CA THR A 48 -16.90 2.51 -7.00
C THR A 48 -17.99 1.50 -6.63
N SER A 49 -18.62 0.91 -7.61
CA SER A 49 -19.69 -0.09 -7.31
C SER A 49 -19.99 -0.94 -8.54
N GLN A 50 -20.62 -0.36 -9.52
CA GLN A 50 -20.94 -1.14 -10.76
C GLN A 50 -20.72 -0.27 -12.00
N VAL A 51 -19.68 -0.54 -12.75
CA VAL A 51 -19.41 0.27 -13.97
C VAL A 51 -19.36 -0.64 -15.19
N GLN A 52 -20.51 -0.97 -15.74
CA GLN A 52 -20.54 -1.85 -16.93
C GLN A 52 -19.84 -1.17 -18.11
N THR A 53 -18.74 -1.72 -18.56
CA THR A 53 -18.01 -1.10 -19.71
C THR A 53 -17.72 -2.15 -20.76
N GLU A 54 -17.18 -1.72 -21.87
CA GLU A 54 -16.90 -2.67 -22.98
C GLU A 54 -15.95 -2.04 -23.99
N ARG A 55 -14.71 -2.45 -23.99
CA ARG A 55 -13.73 -1.86 -24.95
C ARG A 55 -13.58 -2.77 -26.18
N ASN A 56 -13.20 -3.99 -25.97
CA ASN A 56 -13.04 -4.92 -27.14
C ASN A 56 -14.41 -5.42 -27.61
N ILE A 57 -14.78 -5.08 -28.82
CA ILE A 57 -16.10 -5.54 -29.34
C ILE A 57 -15.93 -6.80 -30.18
N ASN A 58 -15.15 -7.74 -29.71
CA ASN A 58 -14.95 -8.99 -30.49
C ASN A 58 -13.99 -9.92 -29.75
N ARG A 59 -12.85 -9.43 -29.36
CA ARG A 59 -11.87 -10.30 -28.63
C ARG A 59 -12.28 -10.44 -27.16
N ALA A 60 -13.51 -10.81 -26.92
CA ALA A 60 -13.97 -10.98 -25.52
C ALA A 60 -13.86 -9.65 -24.77
N MET B 1 14.85 13.17 28.70
CA MET B 1 15.94 12.40 29.38
C MET B 1 15.34 11.24 30.17
N GLY B 2 14.60 11.52 31.20
CA GLY B 2 14.00 10.43 32.01
C GLY B 2 12.85 10.98 32.85
N PRO B 3 11.89 11.57 32.19
CA PRO B 3 10.72 12.14 32.88
C PRO B 3 9.78 11.03 33.34
N LEU B 4 9.77 9.95 32.61
CA LEU B 4 8.89 8.81 32.97
C LEU B 4 9.30 7.58 32.16
N GLN B 5 10.55 7.22 32.19
CA GLN B 5 10.99 6.04 31.40
C GLN B 5 10.43 6.17 29.99
N TYR B 6 10.16 7.39 29.57
CA TYR B 6 9.58 7.61 28.21
C TYR B 6 10.20 6.66 27.19
N LYS B 7 9.39 5.85 26.54
CA LYS B 7 9.92 4.90 25.53
C LYS B 7 8.84 3.90 25.12
N ASP B 8 7.62 4.36 24.96
CA ASP B 8 6.53 3.44 24.55
C ASP B 8 5.97 3.86 23.19
N LEU B 9 6.11 3.04 22.19
CA LEU B 9 5.60 3.41 20.84
C LEU B 9 4.25 2.73 20.58
N LYS B 10 3.74 2.87 19.38
CA LYS B 10 2.43 2.26 19.05
C LYS B 10 2.60 1.22 17.92
N ILE B 11 3.52 0.31 18.08
CA ILE B 11 3.74 -0.71 17.02
C ILE B 11 3.82 -2.10 17.66
N ASP B 12 4.86 -2.84 17.36
CA ASP B 12 5.02 -4.19 17.94
C ASP B 12 3.88 -5.11 17.46
N ILE B 13 2.68 -4.87 17.91
CA ILE B 13 1.54 -5.73 17.51
C ILE B 13 1.38 -5.73 15.98
N LYS B 14 1.55 -6.86 15.36
CA LYS B 14 1.41 -6.94 13.87
C LYS B 14 2.07 -5.73 13.20
N THR B 15 3.28 -5.88 12.75
CA THR B 15 3.98 -4.75 12.08
C THR B 15 4.71 -5.24 10.83
N SER B 16 4.23 -4.90 9.65
CA SER B 16 4.91 -5.35 8.40
C SER B 16 6.36 -4.76 8.37
N PRO B 17 6.83 -4.00 7.37
CA PRO B 17 6.16 -3.54 6.13
C PRO B 17 6.79 -4.24 4.93
N PRO B 18 7.07 -5.50 5.05
CA PRO B 18 7.72 -6.20 3.94
C PRO B 18 6.86 -6.20 2.67
N PRO B 19 5.55 -6.14 2.80
CA PRO B 19 4.71 -6.05 1.59
C PRO B 19 4.71 -4.57 1.18
N GLU B 20 5.82 -4.13 0.65
CA GLU B 20 6.00 -2.68 0.27
C GLU B 20 4.91 -2.15 -0.68
N CYS B 21 3.66 -2.24 -0.32
CA CYS B 21 2.64 -1.64 -1.23
C CYS B 21 2.58 -0.14 -0.99
N ILE B 22 2.85 0.30 0.22
CA ILE B 22 2.83 1.76 0.53
C ILE B 22 4.11 2.41 0.05
N ASN B 23 5.23 1.94 0.50
CA ASN B 23 6.49 2.57 0.06
C ASN B 23 6.65 2.40 -1.45
N ASP B 24 6.50 1.21 -1.96
CA ASP B 24 6.60 1.06 -3.44
C ASP B 24 5.62 2.02 -4.06
N LEU B 25 4.64 2.39 -3.28
CA LEU B 25 3.63 3.34 -3.77
C LEU B 25 4.11 4.75 -3.54
N LEU B 26 4.26 5.05 -2.31
CA LEU B 26 4.61 6.39 -1.89
C LEU B 26 6.04 6.75 -2.25
N GLN B 27 6.80 5.80 -2.70
CA GLN B 27 8.18 6.13 -3.10
C GLN B 27 8.09 6.97 -4.37
N ALA B 28 6.91 7.12 -4.92
CA ALA B 28 6.74 7.91 -6.15
C ALA B 28 5.83 9.13 -5.96
N VAL B 29 4.98 9.17 -4.96
CA VAL B 29 4.12 10.38 -4.85
C VAL B 29 4.60 11.29 -3.73
N ASP B 30 5.75 11.03 -3.19
CA ASP B 30 6.26 11.93 -2.13
C ASP B 30 5.16 12.17 -1.11
N SER B 31 5.08 11.41 -0.08
CA SER B 31 3.95 11.65 0.82
C SER B 31 4.19 10.94 2.16
N GLN B 32 5.20 11.38 2.87
CA GLN B 32 5.51 10.74 4.18
C GLN B 32 4.24 10.59 5.02
N GLU B 33 3.23 11.35 4.74
CA GLU B 33 1.98 11.19 5.54
C GLU B 33 1.42 9.80 5.28
N VAL B 34 1.68 9.27 4.12
CA VAL B 34 1.20 7.91 3.78
C VAL B 34 2.10 6.88 4.45
N ARG B 35 3.38 7.10 4.44
CA ARG B 35 4.30 6.16 5.13
C ARG B 35 4.22 6.43 6.62
N ASP B 36 4.22 7.69 6.99
CA ASP B 36 4.08 8.03 8.42
C ASP B 36 2.80 7.39 8.90
N TYR B 37 1.90 7.23 7.96
CA TYR B 37 0.61 6.58 8.24
C TYR B 37 0.87 5.08 8.25
N CYS B 38 1.49 4.60 7.21
CA CYS B 38 1.80 3.16 7.11
C CYS B 38 2.51 2.70 8.39
N GLU B 39 3.51 3.42 8.81
CA GLU B 39 4.20 3.03 10.06
C GLU B 39 3.29 3.40 11.24
N LYS B 40 2.24 4.14 10.97
CA LYS B 40 1.31 4.47 12.05
C LYS B 40 0.34 3.31 12.12
N LYS B 41 0.09 2.78 10.97
CA LYS B 41 -0.80 1.62 10.84
C LYS B 41 -0.13 0.45 11.49
N GLY B 42 1.04 0.17 10.98
CA GLY B 42 1.85 -0.93 11.51
C GLY B 42 2.52 -1.75 10.43
N TRP B 43 3.28 -1.11 9.59
CA TRP B 43 4.05 -1.86 8.56
C TRP B 43 5.44 -1.42 8.78
N ILE B 44 5.51 -0.13 8.87
CA ILE B 44 6.74 0.61 9.13
C ILE B 44 7.52 0.85 7.85
N VAL B 45 6.88 0.62 6.76
CA VAL B 45 7.52 0.80 5.43
C VAL B 45 8.58 1.90 5.50
N ASN B 46 9.77 1.63 5.06
CA ASN B 46 10.83 2.66 5.14
C ASN B 46 11.96 2.35 4.14
N ILE B 47 12.74 3.34 3.79
CA ILE B 47 13.84 3.11 2.82
C ILE B 47 14.68 1.90 3.24
N THR B 48 14.40 0.75 2.70
CA THR B 48 15.18 -0.47 3.08
C THR B 48 16.63 -0.32 2.64
N SER B 49 17.48 0.18 3.50
CA SER B 49 18.92 0.35 3.14
C SER B 49 19.80 -0.32 4.18
N GLN B 50 19.21 -1.06 5.09
CA GLN B 50 20.00 -1.74 6.14
C GLN B 50 20.14 -3.24 5.82
N VAL B 51 20.40 -3.57 4.59
CA VAL B 51 20.53 -5.01 4.22
C VAL B 51 22.01 -5.43 4.28
N GLN B 52 22.30 -6.66 3.96
CA GLN B 52 23.71 -7.13 4.02
C GLN B 52 24.45 -6.75 2.72
N THR B 53 23.79 -6.06 1.84
CA THR B 53 24.45 -5.65 0.56
C THR B 53 25.68 -4.78 0.86
N GLU B 54 26.78 -5.40 1.20
CA GLU B 54 28.00 -4.60 1.50
C GLU B 54 29.25 -5.41 1.13
N ARG B 55 29.36 -5.83 -0.09
CA ARG B 55 30.56 -6.63 -0.51
C ARG B 55 31.81 -5.76 -0.49
N ASN B 56 31.64 -4.46 -0.48
CA ASN B 56 32.84 -3.56 -0.46
C ASN B 56 33.09 -3.05 0.95
N ILE B 57 34.33 -2.94 1.34
CA ILE B 57 34.65 -2.46 2.71
C ILE B 57 35.19 -1.03 2.64
N ASN B 58 35.19 -0.33 3.75
CA ASN B 58 35.70 1.08 3.74
C ASN B 58 37.24 1.08 3.86
N ARG B 59 37.90 1.85 3.04
CA ARG B 59 39.38 1.91 3.10
C ARG B 59 39.83 2.96 4.11
N ALA B 60 40.98 3.53 3.92
CA ALA B 60 41.47 4.56 4.88
C ALA B 60 42.73 5.24 4.32
#